data_6XW6
#
_entry.id   6XW6
#
_cell.length_a   72.690
_cell.length_b   85.290
_cell.length_c   77.970
_cell.angle_alpha   90.000
_cell.angle_beta   113.470
_cell.angle_gamma   90.000
#
_symmetry.space_group_name_H-M   'P 1 21 1'
#
loop_
_entity.id
_entity.type
_entity.pdbx_description
1 polymer 'Capsid protein'
2 polymer 'Nanobody NB-5853'
3 non-polymer 'MAGNESIUM ION'
4 non-polymer 1,2-ETHANEDIOL
5 water water
#
loop_
_entity_poly.entity_id
_entity_poly.type
_entity_poly.pdbx_seq_one_letter_code
_entity_poly.pdbx_strand_id
1 'polypeptide(L)'
;SRMVDLPVIQPRLCTHARWPAPVYGLLVDPSLPSNPQWQNGRVHVDGTLLGTTPISGSWVSCFAAEAAYKFQSGTGEVAT
FTLIEQDGSAYVPGDRAAPLGYPDFSGQLEIEVQTETTKTGDKLKVTTFEMILGPTTNADQAPYQGRVFASVTAAASLDL
VDGRVRAVPRSIYGFQDTIPEYNDGLLVPLAPPIGPFLPGEVLLRFRTYMRQIDTADAAAEAIDCALPQEFVSWFASNAF
TVQSEALLLRYRNTLTGQLLFECKLYNEGYIALSYSGSGPLTFPTDGIFEVVSWVPRLYQLASVGSL
;
A,B
2 'polypeptide(L)'
;QVQLQESGGGLVQAGDSLRVSCAASGRTISSSPMGWFRQAPGKEREFVAAISGNGGNTYYLDSVKGRFTTSRDNAKNTVY
LQLNNLKPEDTAIYYCAARSRFSAMHLAYRRLVDYDDWGQGTQVTVSSHHHHHH
;
D,C
#
# COMPACT_ATOMS: atom_id res chain seq x y z
N SER A 1 -5.33 27.87 -26.00
CA SER A 1 -6.23 27.18 -25.02
C SER A 1 -7.30 28.15 -24.51
N ARG A 2 -8.23 27.66 -23.68
CA ARG A 2 -9.09 28.53 -22.83
C ARG A 2 -8.20 29.15 -21.74
N MET A 3 -8.66 30.23 -21.10
CA MET A 3 -7.97 30.81 -19.92
C MET A 3 -7.68 29.67 -18.94
N VAL A 4 -6.53 29.72 -18.27
CA VAL A 4 -6.14 28.73 -17.22
C VAL A 4 -7.26 28.64 -16.19
N ASP A 5 -7.70 27.43 -15.88
CA ASP A 5 -8.62 27.20 -14.75
C ASP A 5 -8.03 26.06 -13.91
N LEU A 6 -8.71 25.75 -12.80
CA LEU A 6 -8.32 24.76 -11.79
C LEU A 6 -9.45 23.75 -11.60
N PRO A 7 -9.14 22.50 -11.23
CA PRO A 7 -10.19 21.53 -10.93
C PRO A 7 -10.93 21.97 -9.65
N VAL A 8 -12.26 22.01 -9.69
CA VAL A 8 -13.11 22.47 -8.56
C VAL A 8 -13.17 21.33 -7.54
N ILE A 9 -12.13 21.21 -6.73
CA ILE A 9 -11.99 20.17 -5.67
C ILE A 9 -11.40 20.81 -4.42
N GLN A 10 -12.00 20.55 -3.26
CA GLN A 10 -11.44 20.96 -1.96
C GLN A 10 -10.13 20.19 -1.72
N PRO A 11 -9.06 20.86 -1.22
CA PRO A 11 -7.81 20.19 -0.90
C PRO A 11 -8.01 18.88 -0.11
N ARG A 12 -8.95 18.83 0.84
CA ARG A 12 -9.11 17.62 1.69
C ARG A 12 -9.67 16.45 0.86
N LEU A 13 -10.11 16.67 -0.37
CA LEU A 13 -10.64 15.55 -1.20
C LEU A 13 -9.59 15.08 -2.24
N CYS A 14 -8.43 15.72 -2.23
CA CYS A 14 -7.34 15.51 -3.21
C CYS A 14 -6.31 14.48 -2.70
N THR A 15 -5.43 14.11 -3.62
CA THR A 15 -4.40 13.07 -3.49
C THR A 15 -3.07 13.80 -3.35
N HIS A 16 -2.23 13.38 -2.39
CA HIS A 16 -0.87 13.96 -2.19
C HIS A 16 0.05 13.53 -3.35
N ALA A 17 0.99 14.40 -3.73
CA ALA A 17 1.84 14.22 -4.92
C ALA A 17 3.18 13.57 -4.56
N ARG A 18 3.50 13.34 -3.28
CA ARG A 18 4.84 12.82 -2.89
C ARG A 18 4.75 11.51 -2.11
N TRP A 19 3.57 11.18 -1.57
CA TRP A 19 3.29 9.96 -0.78
C TRP A 19 1.84 9.58 -1.03
N PRO A 20 1.53 8.29 -1.36
CA PRO A 20 0.20 7.91 -1.82
C PRO A 20 -0.79 7.85 -0.66
N ALA A 21 -1.35 9.00 -0.34
CA ALA A 21 -2.32 9.17 0.76
C ALA A 21 -3.11 10.47 0.56
N PRO A 22 -4.21 10.65 1.32
CA PRO A 22 -5.00 11.87 1.20
C PRO A 22 -4.20 13.14 1.54
N VAL A 23 -4.53 14.26 0.89
CA VAL A 23 -4.13 15.60 1.43
C VAL A 23 -4.93 15.85 2.70
N TYR A 24 -4.22 16.13 3.81
CA TYR A 24 -4.80 16.33 5.16
C TYR A 24 -4.59 17.78 5.64
N GLY A 25 -3.48 18.42 5.29
CA GLY A 25 -3.18 19.79 5.77
C GLY A 25 -2.90 20.75 4.62
N LEU A 26 -3.13 22.03 4.90
CA LEU A 26 -2.83 23.19 4.04
C LEU A 26 -2.18 24.21 4.97
N LEU A 27 -0.93 24.64 4.70
CA LEU A 27 -0.23 25.58 5.61
C LEU A 27 0.93 26.25 4.89
N VAL A 28 1.43 27.27 5.56
CA VAL A 28 2.79 27.84 5.34
C VAL A 28 3.58 27.62 6.63
N ASP A 29 4.90 27.51 6.54
CA ASP A 29 5.76 27.40 7.74
C ASP A 29 7.15 27.86 7.38
N PRO A 30 7.49 29.14 7.62
CA PRO A 30 8.78 29.69 7.20
C PRO A 30 10.00 29.15 7.97
N SER A 31 9.81 28.26 8.94
CA SER A 31 10.91 27.61 9.69
C SER A 31 11.40 26.38 8.91
N LEU A 32 10.61 25.88 7.96
CA LEU A 32 10.99 24.72 7.10
C LEU A 32 11.83 25.22 5.92
N PRO A 33 12.64 24.35 5.27
CA PRO A 33 13.46 24.73 4.14
C PRO A 33 12.58 25.39 3.08
N SER A 34 13.02 26.56 2.62
CA SER A 34 12.23 27.53 1.81
C SER A 34 12.08 27.05 0.37
N ASN A 35 13.15 26.44 -0.18
CA ASN A 35 13.28 26.08 -1.62
C ASN A 35 13.60 24.59 -1.77
N PRO A 36 12.69 23.69 -1.37
CA PRO A 36 13.01 22.27 -1.42
C PRO A 36 13.22 21.84 -2.88
N GLN A 37 14.01 20.79 -3.07
CA GLN A 37 14.28 20.22 -4.40
C GLN A 37 13.47 18.92 -4.60
N TRP A 38 12.19 18.92 -4.18
CA TRP A 38 11.21 17.83 -4.45
C TRP A 38 11.24 17.48 -5.94
N GLN A 39 11.30 16.18 -6.28
CA GLN A 39 11.37 15.69 -7.70
C GLN A 39 10.00 15.18 -8.17
N ASN A 40 9.11 14.80 -7.26
CA ASN A 40 7.71 14.41 -7.57
C ASN A 40 6.80 15.62 -7.28
N GLY A 41 5.60 15.66 -7.87
CA GLY A 41 4.67 16.80 -7.74
C GLY A 41 5.18 18.08 -8.41
N ARG A 42 5.97 17.94 -9.46
CA ARG A 42 6.63 19.10 -10.12
C ARG A 42 6.10 19.19 -11.54
N VAL A 43 5.37 20.26 -11.81
CA VAL A 43 4.75 20.50 -13.15
C VAL A 43 4.68 22.01 -13.36
N HIS A 44 4.85 22.45 -14.62
CA HIS A 44 4.58 23.82 -15.12
C HIS A 44 3.08 23.95 -15.39
N VAL A 45 2.53 25.16 -15.33
CA VAL A 45 1.11 25.45 -15.67
C VAL A 45 0.85 25.06 -17.13
N ASP A 46 1.84 25.17 -18.00
CA ASP A 46 1.70 24.81 -19.44
C ASP A 46 1.64 23.29 -19.60
N GLY A 47 1.74 22.50 -18.53
CA GLY A 47 1.59 21.03 -18.60
C GLY A 47 2.92 20.29 -18.63
N THR A 48 4.05 20.97 -18.70
CA THR A 48 5.39 20.30 -18.79
C THR A 48 5.68 19.63 -17.46
N LEU A 49 5.86 18.31 -17.41
CA LEU A 49 6.24 17.57 -16.19
C LEU A 49 7.75 17.69 -15.92
N LEU A 50 8.12 17.86 -14.65
CA LEU A 50 9.49 18.08 -14.18
C LEU A 50 9.89 16.88 -13.31
N GLY A 51 11.19 16.64 -13.21
CA GLY A 51 11.75 15.62 -12.31
C GLY A 51 11.19 14.25 -12.67
N THR A 52 10.80 13.48 -11.66
CA THR A 52 10.26 12.10 -11.78
C THR A 52 8.74 12.11 -11.65
N THR A 53 8.11 13.28 -11.77
CA THR A 53 6.64 13.47 -11.57
C THR A 53 5.87 12.57 -12.52
N PRO A 54 5.03 11.67 -11.99
CA PRO A 54 4.07 10.93 -12.79
C PRO A 54 2.69 11.58 -12.86
N ILE A 55 1.91 11.17 -13.86
CA ILE A 55 0.50 11.62 -14.06
C ILE A 55 -0.38 10.93 -13.01
N SER A 56 -0.19 9.65 -12.79
CA SER A 56 -1.06 8.82 -11.92
C SER A 56 -0.53 8.93 -10.49
N GLY A 57 -1.39 9.27 -9.54
CA GLY A 57 -1.00 9.26 -8.12
C GLY A 57 -0.53 7.90 -7.67
N SER A 58 -0.98 6.81 -8.31
CA SER A 58 -0.64 5.42 -7.92
C SER A 58 0.86 5.16 -8.14
N TRP A 59 1.52 5.94 -8.99
CA TRP A 59 2.98 5.79 -9.27
C TRP A 59 3.83 6.41 -8.17
N VAL A 60 3.24 7.31 -7.36
CA VAL A 60 3.97 8.14 -6.36
C VAL A 60 4.58 7.24 -5.27
N SER A 61 5.89 7.40 -5.06
CA SER A 61 6.73 6.70 -4.04
C SER A 61 6.69 5.19 -4.29
N CYS A 62 6.56 4.78 -5.55
CA CYS A 62 6.56 3.35 -5.93
C CYS A 62 7.66 3.14 -6.96
N PHE A 63 7.99 1.90 -7.25
CA PHE A 63 8.82 1.56 -8.44
C PHE A 63 8.39 0.17 -8.93
N ALA A 64 8.73 -0.10 -10.19
CA ALA A 64 8.58 -1.41 -10.84
C ALA A 64 9.96 -1.90 -11.26
N ALA A 65 10.13 -3.22 -11.29
CA ALA A 65 11.45 -3.83 -11.55
C ALA A 65 11.27 -5.28 -11.98
N GLU A 66 12.28 -5.78 -12.66
CA GLU A 66 12.53 -7.24 -12.78
C GLU A 66 13.34 -7.58 -11.54
N ALA A 67 12.80 -8.40 -10.63
CA ALA A 67 13.46 -8.77 -9.35
C ALA A 67 14.28 -10.03 -9.56
N ALA A 68 15.52 -10.04 -9.06
CA ALA A 68 16.33 -11.25 -8.83
C ALA A 68 16.61 -11.42 -7.35
N TYR A 69 16.39 -12.63 -6.81
CA TYR A 69 16.44 -12.93 -5.37
C TYR A 69 17.59 -13.90 -5.11
N LYS A 70 18.26 -13.73 -3.98
CA LYS A 70 19.26 -14.73 -3.51
C LYS A 70 19.25 -14.74 -2.00
N PHE A 71 19.62 -15.86 -1.39
CA PHE A 71 19.76 -15.97 0.10
C PHE A 71 21.24 -15.94 0.46
N GLN A 72 21.55 -15.21 1.52
CA GLN A 72 22.92 -14.97 2.02
C GLN A 72 22.88 -15.16 3.54
N SER A 73 23.47 -16.26 4.03
CA SER A 73 23.81 -16.45 5.46
C SER A 73 24.40 -15.14 6.00
N GLY A 74 23.83 -14.58 7.06
CA GLY A 74 24.32 -13.35 7.71
C GLY A 74 23.47 -12.15 7.38
N THR A 75 22.91 -12.08 6.15
CA THR A 75 22.00 -10.99 5.71
C THR A 75 20.57 -11.51 5.56
N GLY A 76 20.42 -12.67 4.95
CA GLY A 76 19.08 -13.23 4.64
C GLY A 76 18.77 -13.03 3.18
N GLU A 77 17.52 -12.71 2.84
CA GLU A 77 17.04 -12.68 1.45
C GLU A 77 17.35 -11.31 0.86
N VAL A 78 18.17 -11.27 -0.18
CA VAL A 78 18.54 -10.02 -0.92
C VAL A 78 17.78 -9.97 -2.25
N ALA A 79 17.24 -8.79 -2.59
CA ALA A 79 16.53 -8.55 -3.86
C ALA A 79 17.39 -7.58 -4.66
N THR A 80 17.69 -7.95 -5.91
CA THR A 80 18.23 -7.02 -6.95
C THR A 80 17.07 -6.62 -7.87
N PHE A 81 16.72 -5.34 -7.82
CA PHE A 81 15.63 -4.74 -8.62
C PHE A 81 16.25 -4.04 -9.83
N THR A 82 16.10 -4.63 -11.01
CA THR A 82 16.36 -3.95 -12.31
C THR A 82 15.15 -3.13 -12.70
N LEU A 83 15.25 -1.81 -12.59
CA LEU A 83 14.05 -0.95 -12.62
C LEU A 83 13.51 -0.90 -14.03
N ILE A 84 12.19 -0.82 -14.12
CA ILE A 84 11.41 -0.53 -15.35
C ILE A 84 10.47 0.61 -14.97
N GLU A 85 9.93 1.33 -15.97
CA GLU A 85 8.84 2.30 -15.72
C GLU A 85 7.59 1.51 -15.29
N GLN A 86 6.73 2.15 -14.50
CA GLN A 86 5.57 1.50 -13.85
C GLN A 86 4.49 1.12 -14.88
N ASP A 87 4.50 1.64 -16.11
CA ASP A 87 3.58 1.11 -17.16
C ASP A 87 4.13 -0.18 -17.79
N GLY A 88 5.29 -0.69 -17.34
CA GLY A 88 5.89 -1.91 -17.89
C GLY A 88 6.80 -1.62 -19.07
N SER A 89 7.09 -0.36 -19.35
CA SER A 89 8.04 0.03 -20.42
C SER A 89 9.47 0.03 -19.83
N ALA A 90 10.46 -0.15 -20.72
CA ALA A 90 11.91 -0.17 -20.44
C ALA A 90 12.29 1.16 -19.78
N TYR A 91 13.03 1.13 -18.69
CA TYR A 91 13.64 2.36 -18.14
C TYR A 91 15.02 2.56 -18.76
N VAL A 92 15.29 3.77 -19.25
CA VAL A 92 16.58 4.21 -19.87
C VAL A 92 17.08 5.44 -19.11
N PRO A 93 18.34 5.46 -18.57
CA PRO A 93 18.91 6.67 -17.98
C PRO A 93 18.72 7.82 -18.98
N GLY A 94 18.19 8.95 -18.49
CA GLY A 94 17.86 10.13 -19.32
C GLY A 94 17.96 11.40 -18.54
N ASP A 95 17.00 12.31 -18.75
CA ASP A 95 17.01 13.71 -18.26
C ASP A 95 16.25 13.80 -16.93
N ARG A 96 16.37 12.80 -16.05
CA ARG A 96 15.68 12.82 -14.72
C ARG A 96 16.43 11.84 -13.82
N ALA A 97 16.11 11.92 -12.52
CA ALA A 97 16.86 11.29 -11.43
C ALA A 97 16.65 9.78 -11.42
N ALA A 98 15.52 9.30 -11.92
CA ALA A 98 15.00 7.94 -11.70
C ALA A 98 13.75 7.66 -12.52
N PRO A 99 13.21 6.41 -12.50
CA PRO A 99 11.92 6.10 -13.07
C PRO A 99 10.86 7.00 -12.46
N LEU A 100 9.80 7.30 -13.21
CA LEU A 100 8.73 8.21 -12.74
C LEU A 100 8.14 7.64 -11.46
N GLY A 101 8.04 8.52 -10.46
CA GLY A 101 7.39 8.28 -9.16
C GLY A 101 8.34 7.68 -8.15
N TYR A 102 9.59 7.39 -8.54
CA TYR A 102 10.60 6.90 -7.57
C TYR A 102 10.58 7.86 -6.38
N PRO A 103 10.65 7.35 -5.13
CA PRO A 103 10.69 8.21 -3.95
C PRO A 103 11.73 9.33 -4.09
N ASP A 104 11.34 10.55 -3.68
CA ASP A 104 12.20 11.76 -3.73
C ASP A 104 12.56 12.25 -2.31
N PHE A 105 12.56 11.34 -1.33
CA PHE A 105 12.93 11.60 0.11
C PHE A 105 13.83 10.47 0.64
N SER A 106 14.32 10.61 1.87
CA SER A 106 15.37 9.74 2.45
C SER A 106 14.84 9.01 3.69
N GLY A 107 15.64 8.10 4.23
CA GLY A 107 15.24 7.17 5.29
C GLY A 107 15.21 5.76 4.78
N GLN A 108 14.58 4.88 5.55
CA GLN A 108 14.50 3.44 5.26
C GLN A 108 13.04 3.14 5.04
N LEU A 109 12.71 2.60 3.88
CA LEU A 109 11.33 2.25 3.48
C LEU A 109 11.12 0.75 3.70
N GLU A 110 10.01 0.31 4.32
CA GLU A 110 9.47 -1.07 4.11
C GLU A 110 8.66 -1.04 2.81
N ILE A 111 8.93 -1.97 1.89
CA ILE A 111 8.21 -2.05 0.59
C ILE A 111 7.50 -3.40 0.51
N GLU A 112 6.44 -3.46 -0.27
CA GLU A 112 5.71 -4.73 -0.48
C GLU A 112 5.77 -5.08 -1.95
N VAL A 113 6.04 -6.34 -2.23
CA VAL A 113 6.02 -6.85 -3.63
C VAL A 113 5.33 -8.20 -3.65
N GLN A 114 4.75 -8.53 -4.80
CA GLN A 114 4.22 -9.88 -5.13
C GLN A 114 5.42 -10.82 -5.23
N THR A 115 5.41 -11.90 -4.48
CA THR A 115 6.47 -12.94 -4.54
C THR A 115 5.84 -14.28 -4.89
N GLU A 116 6.62 -15.05 -5.63
CA GLU A 116 6.32 -16.42 -6.06
C GLU A 116 7.38 -17.36 -5.47
N THR A 117 6.97 -18.45 -4.82
CA THR A 117 7.95 -19.48 -4.37
C THR A 117 7.75 -20.77 -5.16
N THR A 118 8.78 -21.62 -5.19
CA THR A 118 8.71 -23.02 -5.63
C THR A 118 8.71 -23.95 -4.42
N LYS A 119 8.41 -23.42 -3.24
CA LYS A 119 8.12 -24.23 -2.02
C LYS A 119 6.81 -24.98 -2.26
N THR A 120 6.61 -26.11 -1.58
CA THR A 120 5.41 -26.98 -1.67
C THR A 120 4.16 -26.24 -1.19
N GLY A 121 3.08 -26.25 -1.99
CA GLY A 121 1.74 -25.80 -1.58
C GLY A 121 1.68 -24.31 -1.24
N ASP A 122 2.80 -23.61 -1.37
CA ASP A 122 2.85 -22.14 -1.46
C ASP A 122 3.11 -21.79 -2.93
N LYS A 123 2.79 -20.57 -3.33
CA LYS A 123 3.03 -20.11 -4.71
C LYS A 123 3.07 -18.58 -4.75
N LEU A 124 1.98 -17.91 -4.38
CA LEU A 124 1.87 -16.42 -4.44
C LEU A 124 1.60 -15.90 -3.03
N LYS A 125 2.35 -14.87 -2.64
CA LYS A 125 2.10 -14.08 -1.42
C LYS A 125 2.70 -12.70 -1.60
N VAL A 126 2.51 -11.83 -0.61
CA VAL A 126 3.16 -10.49 -0.58
C VAL A 126 4.22 -10.47 0.54
N THR A 127 5.43 -10.07 0.17
CA THR A 127 6.63 -10.10 1.03
C THR A 127 7.04 -8.64 1.27
N THR A 128 7.27 -8.30 2.54
CA THR A 128 7.85 -7.01 2.98
C THR A 128 9.38 -7.09 2.95
N PHE A 129 10.03 -6.15 2.26
CA PHE A 129 11.49 -5.87 2.33
C PHE A 129 11.80 -4.50 2.94
N GLU A 130 13.01 -4.37 3.49
CA GLU A 130 13.67 -3.09 3.83
C GLU A 130 14.38 -2.58 2.59
N MET A 131 14.22 -1.31 2.32
CA MET A 131 14.80 -0.63 1.15
C MET A 131 15.42 0.66 1.67
N ILE A 132 16.75 0.79 1.64
CA ILE A 132 17.42 2.05 2.07
C ILE A 132 17.28 3.03 0.92
N LEU A 133 16.80 4.24 1.21
CA LEU A 133 16.61 5.32 0.20
C LEU A 133 17.80 6.26 0.20
N GLY A 134 18.21 6.75 1.38
CA GLY A 134 19.27 7.77 1.47
C GLY A 134 19.20 8.51 2.80
N PRO A 135 19.80 9.72 2.94
CA PRO A 135 20.36 10.47 1.82
C PRO A 135 21.62 9.79 1.23
N THR A 136 22.44 9.18 2.09
CA THR A 136 23.60 8.33 1.65
C THR A 136 23.39 6.93 2.26
N THR A 137 24.00 5.91 1.66
CA THR A 137 23.81 4.49 2.07
C THR A 137 25.11 3.73 1.90
N ASN A 138 25.19 2.51 2.44
CA ASN A 138 26.32 1.58 2.18
C ASN A 138 25.84 0.53 1.16
N ALA A 139 24.75 0.81 0.42
CA ALA A 139 24.10 -0.21 -0.45
C ALA A 139 24.36 0.08 -1.94
N ASP A 140 24.98 1.21 -2.25
CA ASP A 140 25.25 1.69 -3.63
C ASP A 140 23.94 1.67 -4.41
N GLN A 141 22.88 2.31 -3.91
CA GLN A 141 21.61 2.47 -4.68
C GLN A 141 21.85 3.36 -5.91
N ALA A 142 21.31 2.98 -7.07
CA ALA A 142 21.51 3.71 -8.34
C ALA A 142 20.25 3.60 -9.19
N PRO A 143 19.07 4.08 -8.69
CA PRO A 143 17.84 4.06 -9.49
C PRO A 143 17.99 4.83 -10.81
N TYR A 144 18.82 5.89 -10.82
CA TYR A 144 19.21 6.59 -12.08
C TYR A 144 19.79 5.59 -13.09
N GLN A 145 20.56 4.59 -12.61
CA GLN A 145 21.22 3.55 -13.46
C GLN A 145 20.22 2.41 -13.75
N GLY A 146 19.11 2.34 -12.98
CA GLY A 146 18.12 1.27 -13.08
C GLY A 146 18.41 0.10 -12.15
N ARG A 147 19.15 0.31 -11.08
CA ARG A 147 19.45 -0.78 -10.10
C ARG A 147 19.34 -0.30 -8.65
N VAL A 148 18.58 -1.04 -7.85
CA VAL A 148 18.43 -0.81 -6.39
C VAL A 148 18.33 -2.16 -5.69
N PHE A 149 18.71 -2.15 -4.41
CA PHE A 149 18.87 -3.35 -3.55
C PHE A 149 17.94 -3.21 -2.34
N ALA A 150 17.26 -4.30 -2.02
CA ALA A 150 16.43 -4.45 -0.80
C ALA A 150 16.78 -5.79 -0.16
N SER A 151 16.37 -5.97 1.09
CA SER A 151 16.72 -7.17 1.89
C SER A 151 15.70 -7.35 3.00
N VAL A 152 15.49 -8.59 3.43
CA VAL A 152 14.72 -8.90 4.66
C VAL A 152 15.48 -10.02 5.41
N THR A 153 15.63 -9.83 6.71
CA THR A 153 16.19 -10.84 7.64
CA THR A 153 16.18 -10.85 7.64
C THR A 153 15.42 -12.15 7.43
N ALA A 154 16.15 -13.26 7.31
CA ALA A 154 15.60 -14.60 7.04
C ALA A 154 16.59 -15.63 7.58
N ALA A 155 16.11 -16.63 8.31
CA ALA A 155 16.93 -17.74 8.87
C ALA A 155 17.27 -18.73 7.75
N ALA A 156 16.37 -18.90 6.78
CA ALA A 156 16.54 -19.74 5.56
C ALA A 156 16.11 -18.95 4.31
N SER A 157 16.61 -19.37 3.16
CA SER A 157 16.17 -18.92 1.81
C SER A 157 14.66 -19.04 1.70
N LEU A 158 14.01 -18.00 1.17
CA LEU A 158 12.55 -17.91 0.95
C LEU A 158 12.17 -18.63 -0.36
N ASP A 159 13.17 -19.07 -1.13
CA ASP A 159 13.03 -19.79 -2.43
C ASP A 159 12.12 -19.02 -3.39
N LEU A 160 12.43 -17.74 -3.60
CA LEU A 160 11.64 -16.82 -4.46
C LEU A 160 12.08 -17.05 -5.90
N VAL A 161 11.11 -17.03 -6.80
CA VAL A 161 11.29 -17.03 -8.27
C VAL A 161 11.59 -15.59 -8.70
N ASP A 162 12.50 -15.44 -9.66
CA ASP A 162 12.77 -14.12 -10.29
C ASP A 162 11.53 -13.74 -11.12
N GLY A 163 11.15 -12.46 -11.16
CA GLY A 163 10.02 -11.97 -11.98
C GLY A 163 9.69 -10.50 -11.76
N ARG A 164 8.62 -10.04 -12.38
CA ARG A 164 8.23 -8.61 -12.38
C ARG A 164 7.61 -8.23 -11.03
N VAL A 165 7.93 -7.07 -10.50
CA VAL A 165 7.29 -6.60 -9.24
C VAL A 165 6.86 -5.16 -9.46
N ARG A 166 5.95 -4.68 -8.61
CA ARG A 166 5.73 -3.24 -8.36
C ARG A 166 5.77 -3.00 -6.85
N ALA A 167 6.82 -2.31 -6.39
CA ALA A 167 7.13 -2.00 -4.99
C ALA A 167 6.24 -0.86 -4.53
N VAL A 168 5.42 -1.11 -3.51
CA VAL A 168 4.53 -0.08 -2.92
C VAL A 168 4.99 0.14 -1.49
N PRO A 169 4.86 1.38 -0.96
CA PRO A 169 5.44 1.68 0.35
C PRO A 169 4.52 1.38 1.54
N ARG A 170 5.07 0.64 2.51
CA ARG A 170 4.38 0.14 3.72
C ARG A 170 4.63 1.07 4.90
N SER A 171 5.86 1.56 5.08
CA SER A 171 6.25 2.48 6.17
C SER A 171 7.56 3.21 5.87
N ILE A 172 7.78 4.31 6.58
CA ILE A 172 9.07 5.06 6.63
C ILE A 172 9.64 5.03 8.07
N TYR A 173 10.96 4.84 8.16
CA TYR A 173 11.83 4.79 9.37
C TYR A 173 12.98 5.77 9.15
N GLY A 174 13.10 6.81 10.00
CA GLY A 174 14.20 7.79 9.88
C GLY A 174 14.01 8.71 8.67
N PHE A 175 12.76 9.11 8.43
CA PHE A 175 12.38 9.99 7.31
C PHE A 175 13.24 11.25 7.37
N GLN A 176 13.77 11.66 6.23
CA GLN A 176 14.37 13.01 6.05
C GLN A 176 13.97 13.47 4.67
N ASP A 177 13.51 14.73 4.56
CA ASP A 177 13.05 15.32 3.30
C ASP A 177 14.27 15.92 2.59
N THR A 178 15.14 15.03 2.16
CA THR A 178 16.30 15.32 1.28
CA THR A 178 16.29 15.31 1.27
C THR A 178 16.33 14.21 0.21
N ILE A 179 16.73 14.58 -0.98
CA ILE A 179 16.68 13.64 -2.13
C ILE A 179 17.46 12.39 -1.71
N PRO A 180 16.99 11.22 -2.14
CA PRO A 180 17.71 9.96 -1.87
C PRO A 180 19.00 9.83 -2.70
N GLU A 181 19.63 8.67 -2.55
CA GLU A 181 20.85 8.28 -3.29
C GLU A 181 20.41 7.81 -4.69
N TYR A 182 20.44 8.69 -5.69
CA TYR A 182 19.91 8.40 -7.04
C TYR A 182 20.95 7.66 -7.89
N ASN A 183 22.23 7.89 -7.61
CA ASN A 183 23.32 7.46 -8.51
C ASN A 183 24.57 7.16 -7.66
N ASP A 184 24.39 6.43 -6.56
CA ASP A 184 25.49 5.91 -5.72
C ASP A 184 26.44 7.02 -5.26
N GLY A 185 25.95 8.18 -4.85
CA GLY A 185 26.78 9.31 -4.43
C GLY A 185 27.06 10.31 -5.55
N LEU A 186 26.86 9.97 -6.83
CA LEU A 186 27.12 10.90 -7.97
C LEU A 186 25.91 11.80 -8.27
N LEU A 187 26.14 12.88 -9.02
CA LEU A 187 25.05 13.83 -9.40
C LEU A 187 24.17 13.16 -10.47
N VAL A 188 22.92 13.61 -10.59
CA VAL A 188 21.95 13.19 -11.64
C VAL A 188 21.22 14.43 -12.11
N PRO A 189 20.51 14.40 -13.25
CA PRO A 189 19.65 15.52 -13.62
C PRO A 189 18.47 15.65 -12.63
N LEU A 190 18.29 16.84 -12.03
CA LEU A 190 17.22 17.13 -11.03
C LEU A 190 16.34 18.28 -11.54
N ALA A 191 15.06 18.31 -11.13
CA ALA A 191 14.24 19.54 -11.22
C ALA A 191 14.85 20.57 -10.27
N PRO A 192 14.93 21.85 -10.65
CA PRO A 192 15.58 22.86 -9.82
C PRO A 192 14.85 23.03 -8.49
N PRO A 193 15.49 23.60 -7.45
CA PRO A 193 14.80 23.94 -6.21
C PRO A 193 13.52 24.73 -6.52
N ILE A 194 12.46 24.47 -5.75
CA ILE A 194 11.20 25.26 -5.80
C ILE A 194 11.56 26.73 -5.52
N GLY A 195 11.01 27.65 -6.32
CA GLY A 195 11.29 29.10 -6.25
C GLY A 195 11.64 29.69 -7.62
N PRO A 196 12.10 30.96 -7.69
CA PRO A 196 12.28 31.81 -6.50
C PRO A 196 10.99 32.44 -5.97
N PHE A 197 11.09 33.05 -4.78
CA PHE A 197 9.98 33.76 -4.08
C PHE A 197 10.33 35.23 -3.92
N LEU A 198 9.34 36.12 -3.92
CA LEU A 198 9.62 37.52 -3.51
C LEU A 198 10.01 37.51 -2.04
N PRO A 199 10.89 38.46 -1.62
CA PRO A 199 11.12 38.71 -0.19
C PRO A 199 9.75 38.85 0.51
N GLY A 200 9.50 38.05 1.54
CA GLY A 200 8.21 38.05 2.29
C GLY A 200 7.26 36.95 1.84
N GLU A 201 7.44 36.39 0.63
CA GLU A 201 6.66 35.21 0.16
C GLU A 201 7.25 33.90 0.71
N VAL A 202 6.38 32.94 0.94
CA VAL A 202 6.72 31.57 1.45
C VAL A 202 5.89 30.57 0.65
N LEU A 203 6.37 29.33 0.58
CA LEU A 203 5.73 28.20 -0.12
C LEU A 203 4.43 27.79 0.58
N LEU A 204 3.35 27.61 -0.18
CA LEU A 204 2.09 26.96 0.29
C LEU A 204 2.31 25.44 0.27
N ARG A 205 2.00 24.78 1.38
CA ARG A 205 2.33 23.37 1.58
C ARG A 205 1.04 22.58 1.64
N PHE A 206 0.92 21.57 0.78
CA PHE A 206 -0.12 20.53 0.85
C PHE A 206 0.49 19.37 1.62
N ARG A 207 -0.09 19.05 2.77
CA ARG A 207 0.57 18.14 3.74
C ARG A 207 -0.18 16.81 3.83
N THR A 208 0.53 15.67 3.85
CA THR A 208 -0.02 14.37 4.31
C THR A 208 0.89 13.82 5.42
N TYR A 209 0.55 12.64 5.91
CA TYR A 209 1.27 11.91 6.99
C TYR A 209 1.61 10.50 6.51
N MET A 210 2.82 10.05 6.84
CA MET A 210 3.42 8.79 6.35
C MET A 210 3.38 7.75 7.48
N ARG A 211 2.73 6.60 7.22
CA ARG A 211 2.90 5.37 8.03
C ARG A 211 4.36 5.22 8.45
N GLN A 212 4.59 4.98 9.75
CA GLN A 212 5.88 5.22 10.42
C GLN A 212 6.24 4.06 11.35
N ILE A 213 7.53 3.73 11.40
CA ILE A 213 8.21 2.96 12.48
C ILE A 213 8.92 3.98 13.37
N ASP A 214 8.58 3.99 14.63
CA ASP A 214 9.18 4.93 15.61
C ASP A 214 9.05 4.26 16.98
N THR A 215 10.16 4.11 17.71
CA THR A 215 10.20 3.35 18.98
C THR A 215 9.66 4.19 20.15
N ALA A 216 9.60 5.51 20.02
CA ALA A 216 9.44 6.39 21.21
C ALA A 216 8.35 7.45 21.01
N ASP A 217 8.27 8.03 19.81
CA ASP A 217 7.47 9.24 19.51
C ASP A 217 6.29 8.79 18.65
N ALA A 218 5.05 9.13 19.08
CA ALA A 218 3.78 8.82 18.39
C ALA A 218 3.42 9.94 17.40
N ALA A 219 4.19 11.05 17.37
CA ALA A 219 3.95 12.19 16.46
C ALA A 219 3.95 11.70 15.01
N ALA A 220 2.92 12.04 14.25
CA ALA A 220 2.74 11.61 12.85
C ALA A 220 3.83 12.28 12.00
N GLU A 221 4.32 11.57 10.99
CA GLU A 221 5.41 12.07 10.12
C GLU A 221 4.83 12.85 8.93
N ALA A 222 5.04 14.15 8.94
CA ALA A 222 4.55 15.12 7.93
C ALA A 222 5.36 15.00 6.63
N ILE A 223 4.69 15.10 5.47
CA ILE A 223 5.41 15.34 4.18
C ILE A 223 4.58 16.31 3.35
N ASP A 224 5.24 17.33 2.82
CA ASP A 224 4.64 18.41 2.01
C ASP A 224 4.91 18.15 0.52
N CYS A 225 4.04 18.75 -0.32
CA CYS A 225 4.19 18.83 -1.78
C CYS A 225 3.62 20.18 -2.23
N ALA A 226 4.03 20.61 -3.41
CA ALA A 226 3.70 21.95 -3.94
C ALA A 226 2.25 22.02 -4.43
N LEU A 227 1.72 20.90 -4.95
CA LEU A 227 0.40 20.81 -5.61
C LEU A 227 -0.18 19.41 -5.39
N PRO A 228 -1.49 19.26 -5.14
CA PRO A 228 -2.10 17.94 -5.07
C PRO A 228 -1.99 17.30 -6.47
N GLN A 229 -1.99 15.99 -6.52
CA GLN A 229 -1.81 15.21 -7.75
C GLN A 229 -2.87 15.60 -8.76
N GLU A 230 -4.08 15.92 -8.29
CA GLU A 230 -5.20 16.30 -9.19
C GLU A 230 -4.82 17.55 -9.98
N PHE A 231 -4.08 18.50 -9.38
CA PHE A 231 -3.61 19.72 -10.08
C PHE A 231 -2.50 19.34 -11.06
N VAL A 232 -1.56 18.46 -10.69
CA VAL A 232 -0.50 17.94 -11.59
C VAL A 232 -1.14 17.36 -12.85
N SER A 233 -2.06 16.40 -12.73
CA SER A 233 -2.72 15.76 -13.90
C SER A 233 -3.55 16.78 -14.69
N TRP A 234 -4.15 17.76 -14.01
CA TRP A 234 -4.93 18.84 -14.66
C TRP A 234 -4.04 19.64 -15.63
N PHE A 235 -2.91 20.18 -15.15
CA PHE A 235 -1.95 20.93 -16.01
C PHE A 235 -1.46 20.01 -17.15
N ALA A 236 -0.99 18.81 -16.80
CA ALA A 236 -0.53 17.80 -17.80
C ALA A 236 -1.62 17.63 -18.86
N SER A 237 -2.87 17.48 -18.42
CA SER A 237 -4.05 17.14 -19.25
C SER A 237 -4.46 18.30 -20.17
N ASN A 238 -4.17 19.56 -19.83
CA ASN A 238 -4.82 20.71 -20.51
C ASN A 238 -3.85 21.40 -21.50
N ALA A 239 -2.52 21.28 -21.34
CA ALA A 239 -1.54 22.15 -22.05
C ALA A 239 -2.10 23.56 -22.27
N PHE A 240 -2.26 24.35 -21.20
CA PHE A 240 -2.69 25.76 -21.26
C PHE A 240 -1.62 26.63 -21.94
N THR A 241 -2.10 27.69 -22.60
CA THR A 241 -1.35 28.89 -23.07
C THR A 241 -1.02 29.74 -21.83
N VAL A 242 0.22 30.11 -21.59
CA VAL A 242 0.61 30.92 -20.40
C VAL A 242 1.11 32.29 -20.87
N GLN A 243 0.60 33.37 -20.27
CA GLN A 243 0.94 34.78 -20.57
C GLN A 243 2.04 35.26 -19.63
N SER A 244 1.68 35.65 -18.41
CA SER A 244 2.57 36.28 -17.40
C SER A 244 3.31 35.22 -16.58
N GLU A 245 4.05 35.65 -15.57
CA GLU A 245 4.90 34.77 -14.75
C GLU A 245 4.03 34.03 -13.73
N ALA A 246 2.86 34.61 -13.41
CA ALA A 246 2.08 34.21 -12.23
C ALA A 246 0.59 34.40 -12.46
N LEU A 247 -0.20 33.54 -11.82
CA LEU A 247 -1.67 33.65 -11.70
C LEU A 247 -2.05 33.97 -10.25
N LEU A 248 -2.88 35.00 -10.03
CA LEU A 248 -3.41 35.31 -8.67
C LEU A 248 -4.60 34.38 -8.44
N LEU A 249 -4.58 33.61 -7.36
CA LEU A 249 -5.69 32.73 -6.96
C LEU A 249 -6.28 33.25 -5.66
N ARG A 250 -7.58 33.07 -5.48
CA ARG A 250 -8.25 33.32 -4.18
C ARG A 250 -8.71 31.98 -3.64
N TYR A 251 -8.41 31.69 -2.38
CA TYR A 251 -8.91 30.50 -1.68
C TYR A 251 -10.10 30.94 -0.81
N ARG A 252 -11.25 30.33 -1.07
CA ARG A 252 -12.57 30.83 -0.64
C ARG A 252 -13.37 29.70 0.01
N ASN A 253 -14.08 30.03 1.09
CA ASN A 253 -15.21 29.22 1.64
C ASN A 253 -16.31 29.22 0.59
N THR A 254 -16.54 28.09 -0.05
CA THR A 254 -17.61 27.82 -1.04
C THR A 254 -19.00 28.23 -0.52
N LEU A 255 -19.27 27.99 0.76
CA LEU A 255 -20.62 28.01 1.34
C LEU A 255 -20.96 29.40 1.85
N THR A 256 -19.95 30.21 2.22
CA THR A 256 -20.11 31.59 2.75
C THR A 256 -19.50 32.62 1.81
N GLY A 257 -18.56 32.20 0.96
CA GLY A 257 -17.81 33.10 0.06
C GLY A 257 -16.77 33.93 0.81
N GLN A 258 -16.42 33.54 2.04
CA GLN A 258 -15.34 34.24 2.77
C GLN A 258 -14.01 34.00 2.05
N LEU A 259 -13.24 35.07 1.87
CA LEU A 259 -11.84 35.00 1.38
C LEU A 259 -10.95 34.58 2.55
N LEU A 260 -10.29 33.44 2.44
CA LEU A 260 -9.32 32.96 3.48
C LEU A 260 -7.93 33.55 3.18
N PHE A 261 -7.51 33.57 1.91
CA PHE A 261 -6.24 34.21 1.48
C PHE A 261 -6.17 34.27 -0.05
N GLU A 262 -5.35 35.18 -0.55
CA GLU A 262 -4.98 35.20 -1.97
C GLU A 262 -3.52 34.75 -2.05
N CYS A 263 -3.12 34.23 -3.18
CA CYS A 263 -1.82 33.56 -3.35
C CYS A 263 -1.44 33.69 -4.82
N LYS A 264 -0.18 33.42 -5.14
CA LYS A 264 0.32 33.43 -6.54
C LYS A 264 0.74 32.01 -6.92
N LEU A 265 0.13 31.45 -7.95
CA LEU A 265 0.61 30.23 -8.66
C LEU A 265 1.57 30.71 -9.75
N TYR A 266 2.87 30.57 -9.48
CA TYR A 266 3.93 30.81 -10.49
C TYR A 266 3.79 29.73 -11.55
N ASN A 267 4.11 30.05 -12.79
CA ASN A 267 4.08 29.16 -13.97
CA ASN A 267 3.89 29.06 -13.87
C ASN A 267 4.90 27.91 -13.73
N GLU A 268 5.93 28.03 -12.90
CA GLU A 268 6.91 26.94 -12.66
C GLU A 268 6.34 25.95 -11.62
N GLY A 269 5.09 26.10 -11.18
CA GLY A 269 4.32 25.01 -10.53
C GLY A 269 4.28 25.05 -9.01
N TYR A 270 4.45 26.20 -8.36
CA TYR A 270 4.41 26.31 -6.87
C TYR A 270 3.59 27.54 -6.48
N ILE A 271 3.06 27.55 -5.25
CA ILE A 271 2.15 28.64 -4.78
C ILE A 271 2.85 29.39 -3.65
N ALA A 272 2.78 30.73 -3.70
CA ALA A 272 3.36 31.65 -2.71
C ALA A 272 2.23 32.44 -2.04
N LEU A 273 2.32 32.56 -0.71
CA LEU A 273 1.55 33.53 0.11
C LEU A 273 2.51 34.60 0.66
N SER A 274 2.01 35.81 0.82
CA SER A 274 2.71 36.89 1.58
C SER A 274 2.44 36.64 3.06
N TYR A 275 3.43 36.19 3.82
CA TYR A 275 3.30 35.84 5.27
C TYR A 275 4.52 36.41 5.99
N SER A 276 4.34 37.34 6.94
CA SER A 276 5.45 38.06 7.64
C SER A 276 5.96 37.28 8.86
N GLY A 277 5.18 36.33 9.39
CA GLY A 277 5.40 35.67 10.69
C GLY A 277 6.55 34.69 10.68
N SER A 278 6.78 34.02 11.82
CA SER A 278 7.94 33.10 12.07
C SER A 278 7.51 31.63 12.04
N GLY A 279 6.41 31.28 12.71
CA GLY A 279 5.98 29.87 12.90
C GLY A 279 4.82 29.46 11.98
N PRO A 280 4.39 28.19 12.06
CA PRO A 280 3.38 27.66 11.14
C PRO A 280 2.08 28.46 11.22
N LEU A 281 1.42 28.63 10.07
CA LEU A 281 -0.01 28.99 10.00
C LEU A 281 -0.73 27.96 9.13
N THR A 282 -1.78 27.33 9.67
CA THR A 282 -2.60 26.32 8.98
C THR A 282 -3.87 27.00 8.47
N PHE A 283 -4.45 26.44 7.41
CA PHE A 283 -5.71 26.92 6.78
C PHE A 283 -6.70 25.77 6.69
N PRO A 284 -8.01 26.12 6.68
CA PRO A 284 -9.07 25.18 6.36
C PRO A 284 -8.79 24.46 5.04
N THR A 285 -9.10 23.17 5.01
CA THR A 285 -8.82 22.28 3.87
C THR A 285 -10.07 22.07 3.03
N ASP A 286 -11.17 22.80 3.32
CA ASP A 286 -12.49 22.61 2.64
C ASP A 286 -12.82 23.85 1.78
N GLY A 287 -11.85 24.73 1.52
CA GLY A 287 -12.04 25.86 0.58
C GLY A 287 -11.87 25.41 -0.86
N ILE A 288 -12.08 26.33 -1.81
CA ILE A 288 -11.81 26.10 -3.26
C ILE A 288 -10.86 27.21 -3.78
N PHE A 289 -9.86 26.82 -4.57
CA PHE A 289 -8.93 27.74 -5.28
C PHE A 289 -9.61 28.24 -6.56
N GLU A 290 -9.85 29.54 -6.69
CA GLU A 290 -10.38 30.21 -7.92
C GLU A 290 -9.28 31.04 -8.58
N VAL A 291 -9.06 30.87 -9.88
CA VAL A 291 -8.20 31.73 -10.74
C VAL A 291 -8.84 33.12 -10.86
N VAL A 292 -8.14 34.14 -10.40
CA VAL A 292 -8.64 35.52 -10.56
C VAL A 292 -8.07 36.08 -11.87
N SER A 293 -6.75 36.19 -11.98
CA SER A 293 -6.13 36.81 -13.17
C SER A 293 -4.66 36.44 -13.29
N TRP A 294 -4.09 36.71 -14.47
CA TRP A 294 -2.64 36.85 -14.66
C TRP A 294 -2.16 38.07 -13.86
N VAL A 295 -0.95 38.02 -13.31
CA VAL A 295 -0.28 39.13 -12.57
C VAL A 295 1.22 39.04 -12.83
N PRO A 296 1.96 40.17 -12.74
CA PRO A 296 3.41 40.16 -12.84
C PRO A 296 4.07 39.27 -11.79
N ARG A 297 5.25 38.73 -12.12
CA ARG A 297 6.15 38.00 -11.17
C ARG A 297 6.31 38.83 -9.90
N LEU A 298 6.42 40.15 -10.05
CA LEU A 298 6.78 41.09 -8.97
C LEU A 298 5.52 41.49 -8.18
N TYR A 299 4.35 40.99 -8.51
CA TYR A 299 3.12 41.44 -7.83
C TYR A 299 3.19 41.14 -6.33
N GLN A 300 2.99 42.14 -5.46
CA GLN A 300 2.98 41.95 -3.97
C GLN A 300 1.58 41.52 -3.54
N LEU A 301 1.43 40.33 -2.98
CA LEU A 301 0.13 39.85 -2.41
C LEU A 301 -0.25 40.66 -1.17
N ALA A 302 -1.55 40.74 -0.87
CA ALA A 302 -2.07 41.05 0.47
C ALA A 302 -1.64 39.92 1.42
N SER A 303 -0.97 40.30 2.51
CA SER A 303 -0.42 39.42 3.57
C SER A 303 -1.54 38.64 4.24
N VAL A 304 -1.19 37.46 4.78
CA VAL A 304 -2.10 36.58 5.56
C VAL A 304 -1.63 36.61 7.01
N SER B 1 -21.66 25.44 -19.32
CA SER B 1 -20.32 24.78 -19.43
C SER B 1 -19.83 24.85 -20.89
N ARG B 2 -18.53 24.57 -21.11
CA ARG B 2 -18.01 24.25 -22.47
C ARG B 2 -18.51 22.86 -22.89
N MET B 3 -18.31 22.52 -24.16
CA MET B 3 -18.58 21.16 -24.69
C MET B 3 -17.76 20.15 -23.87
N VAL B 4 -18.37 19.01 -23.54
CA VAL B 4 -17.70 17.87 -22.86
C VAL B 4 -16.38 17.61 -23.59
N ASP B 5 -15.31 17.47 -22.82
CA ASP B 5 -14.02 16.96 -23.32
C ASP B 5 -13.50 15.93 -22.32
N LEU B 6 -12.38 15.29 -22.64
CA LEU B 6 -11.74 14.28 -21.79
C LEU B 6 -10.33 14.76 -21.51
N PRO B 7 -9.72 14.34 -20.38
CA PRO B 7 -8.32 14.65 -20.14
C PRO B 7 -7.51 13.87 -21.17
N VAL B 8 -6.51 14.50 -21.79
CA VAL B 8 -5.66 13.87 -22.84
C VAL B 8 -4.56 13.09 -22.10
N ILE B 9 -4.92 11.89 -21.60
CA ILE B 9 -4.01 10.96 -20.88
C ILE B 9 -4.23 9.60 -21.53
N GLN B 10 -3.16 8.89 -21.89
CA GLN B 10 -3.23 7.51 -22.39
C GLN B 10 -3.75 6.61 -21.26
N PRO B 11 -4.59 5.60 -21.54
CA PRO B 11 -5.03 4.69 -20.48
C PRO B 11 -3.91 4.02 -19.64
N ARG B 12 -2.74 3.75 -20.24
CA ARG B 12 -1.62 3.09 -19.52
C ARG B 12 -1.01 4.07 -18.52
N LEU B 13 -1.31 5.36 -18.62
CA LEU B 13 -0.76 6.40 -17.69
C LEU B 13 -1.80 6.76 -16.63
N CYS B 14 -2.96 6.09 -16.63
CA CYS B 14 -4.09 6.41 -15.70
C CYS B 14 -4.10 5.47 -14.50
N THR B 15 -4.97 5.82 -13.56
CA THR B 15 -5.16 5.19 -12.24
C THR B 15 -6.45 4.37 -12.31
N HIS B 16 -6.42 3.12 -11.84
CA HIS B 16 -7.65 2.28 -11.81
C HIS B 16 -8.64 2.87 -10.78
N ALA B 17 -9.94 2.67 -10.97
CA ALA B 17 -10.99 3.24 -10.09
C ALA B 17 -11.53 2.26 -9.04
N ARG B 18 -11.09 0.99 -9.01
CA ARG B 18 -11.57 -0.04 -8.04
C ARG B 18 -10.43 -0.67 -7.22
N TRP B 19 -9.20 -0.66 -7.73
CA TRP B 19 -8.00 -1.11 -6.98
C TRP B 19 -6.90 -0.09 -7.22
N PRO B 20 -6.20 0.37 -6.16
CA PRO B 20 -5.20 1.43 -6.30
C PRO B 20 -3.88 0.94 -6.92
N ALA B 21 -3.87 0.94 -8.24
CA ALA B 21 -2.77 0.43 -9.08
C ALA B 21 -2.93 1.03 -10.46
N PRO B 22 -1.89 0.98 -11.34
CA PRO B 22 -2.02 1.45 -12.71
C PRO B 22 -3.11 0.74 -13.52
N VAL B 23 -3.74 1.44 -14.46
CA VAL B 23 -4.46 0.74 -15.56
C VAL B 23 -3.42 0.01 -16.43
N TYR B 24 -3.61 -1.29 -16.64
CA TYR B 24 -2.68 -2.11 -17.46
C TYR B 24 -3.36 -2.62 -18.75
N GLY B 25 -4.69 -2.71 -18.79
CA GLY B 25 -5.42 -3.40 -19.87
C GLY B 25 -6.62 -2.61 -20.29
N LEU B 26 -6.94 -2.67 -21.59
CA LEU B 26 -8.15 -2.06 -22.21
C LEU B 26 -8.76 -3.14 -23.11
N LEU B 27 -10.00 -3.55 -22.84
CA LEU B 27 -10.54 -4.72 -23.54
C LEU B 27 -12.07 -4.78 -23.42
N VAL B 28 -12.63 -5.61 -24.27
CA VAL B 28 -14.02 -6.11 -24.16
C VAL B 28 -13.95 -7.63 -23.93
N ASP B 29 -14.88 -8.20 -23.17
CA ASP B 29 -14.92 -9.66 -22.96
C ASP B 29 -16.36 -10.09 -22.78
N PRO B 30 -17.00 -10.54 -23.88
CA PRO B 30 -18.38 -11.02 -23.85
C PRO B 30 -18.64 -12.26 -22.99
N SER B 31 -17.61 -13.00 -22.58
CA SER B 31 -17.77 -14.15 -21.66
C SER B 31 -18.02 -13.65 -20.23
N LEU B 32 -17.83 -12.36 -19.94
CA LEU B 32 -18.11 -11.73 -18.62
C LEU B 32 -19.44 -10.97 -18.70
N PRO B 33 -20.22 -10.91 -17.60
CA PRO B 33 -21.55 -10.27 -17.63
C PRO B 33 -21.36 -8.78 -17.83
N SER B 34 -22.17 -8.18 -18.70
CA SER B 34 -21.90 -6.80 -19.19
C SER B 34 -22.59 -5.82 -18.25
N ASN B 35 -23.24 -6.31 -17.19
CA ASN B 35 -24.05 -5.48 -16.26
C ASN B 35 -23.56 -5.60 -14.82
N PRO B 36 -22.25 -5.40 -14.54
CA PRO B 36 -21.74 -5.55 -13.17
C PRO B 36 -22.27 -4.41 -12.29
N GLN B 37 -22.35 -4.64 -10.99
CA GLN B 37 -22.88 -3.62 -10.05
C GLN B 37 -21.72 -3.01 -9.24
N TRP B 38 -20.65 -2.62 -9.92
CA TRP B 38 -19.53 -1.89 -9.29
C TRP B 38 -20.05 -0.63 -8.62
N GLN B 39 -19.49 -0.30 -7.45
CA GLN B 39 -19.92 0.84 -6.58
C GLN B 39 -18.86 1.95 -6.62
N ASN B 40 -17.62 1.61 -6.94
CA ASN B 40 -16.53 2.59 -7.14
C ASN B 40 -16.31 2.75 -8.65
N GLY B 41 -15.74 3.88 -9.06
CA GLY B 41 -15.56 4.25 -10.47
C GLY B 41 -16.89 4.45 -11.18
N ARG B 42 -17.89 4.97 -10.45
CA ARG B 42 -19.24 5.23 -10.98
C ARG B 42 -19.52 6.74 -10.91
N VAL B 43 -19.69 7.35 -12.08
CA VAL B 43 -19.94 8.81 -12.16
C VAL B 43 -20.77 9.06 -13.42
N HIS B 44 -21.63 10.07 -13.38
CA HIS B 44 -22.36 10.57 -14.56
C HIS B 44 -21.45 11.57 -15.27
N VAL B 45 -21.68 11.77 -16.56
CA VAL B 45 -20.89 12.74 -17.37
C VAL B 45 -21.08 14.14 -16.78
N ASP B 46 -22.22 14.42 -16.13
CA ASP B 46 -22.46 15.74 -15.47
C ASP B 46 -21.77 15.83 -14.10
N GLY B 47 -20.95 14.84 -13.70
CA GLY B 47 -20.09 14.96 -12.51
C GLY B 47 -20.73 14.37 -11.27
N THR B 48 -21.97 13.89 -11.35
CA THR B 48 -22.66 13.31 -10.18
C THR B 48 -22.01 11.95 -9.91
N LEU B 49 -21.40 11.83 -8.74
CA LEU B 49 -20.78 10.57 -8.22
C LEU B 49 -21.87 9.59 -7.82
N LEU B 50 -21.71 8.32 -8.20
CA LEU B 50 -22.67 7.23 -7.93
C LEU B 50 -21.98 6.29 -6.92
N GLY B 51 -22.78 5.58 -6.15
CA GLY B 51 -22.26 4.54 -5.22
C GLY B 51 -21.31 5.11 -4.19
N THR B 52 -20.20 4.44 -3.97
CA THR B 52 -19.14 4.76 -2.97
C THR B 52 -17.95 5.47 -3.67
N THR B 53 -18.13 5.91 -4.91
CA THR B 53 -17.03 6.46 -5.74
C THR B 53 -16.48 7.72 -5.08
N PRO B 54 -15.18 7.75 -4.73
CA PRO B 54 -14.49 8.97 -4.30
C PRO B 54 -13.85 9.72 -5.47
N ILE B 55 -13.49 10.98 -5.25
CA ILE B 55 -12.76 11.82 -6.24
C ILE B 55 -11.29 11.37 -6.25
N SER B 56 -10.69 11.11 -5.09
CA SER B 56 -9.24 10.86 -4.94
C SER B 56 -8.99 9.37 -5.19
N GLY B 57 -8.10 9.04 -6.12
CA GLY B 57 -7.62 7.66 -6.34
C GLY B 57 -7.15 7.01 -5.04
N SER B 58 -6.57 7.78 -4.11
CA SER B 58 -5.95 7.28 -2.87
C SER B 58 -7.00 6.64 -1.95
N TRP B 59 -8.27 7.01 -2.08
CA TRP B 59 -9.37 6.49 -1.23
C TRP B 59 -9.82 5.10 -1.70
N VAL B 60 -9.46 4.67 -2.93
CA VAL B 60 -10.03 3.45 -3.57
C VAL B 60 -9.57 2.18 -2.86
N SER B 61 -10.54 1.34 -2.45
CA SER B 61 -10.41 0.06 -1.69
C SER B 61 -9.68 0.32 -0.36
N CYS B 62 -9.90 1.48 0.23
CA CYS B 62 -9.35 1.83 1.57
C CYS B 62 -10.51 2.16 2.51
N PHE B 63 -10.24 2.31 3.81
CA PHE B 63 -11.19 2.89 4.78
C PHE B 63 -10.43 3.57 5.92
N ALA B 64 -11.11 4.56 6.51
CA ALA B 64 -10.69 5.31 7.71
C ALA B 64 -11.64 4.93 8.86
N ALA B 65 -11.10 4.89 10.07
CA ALA B 65 -11.83 4.37 11.24
C ALA B 65 -11.14 4.84 12.51
N GLU B 66 -11.95 4.96 13.56
CA GLU B 66 -11.54 4.86 14.97
C GLU B 66 -11.46 3.37 15.28
N ALA B 67 -10.24 2.87 15.50
CA ALA B 67 -9.87 1.46 15.73
C ALA B 67 -9.83 1.19 17.23
N ALA B 68 -10.42 0.07 17.64
CA ALA B 68 -10.34 -0.46 19.00
C ALA B 68 -9.80 -1.90 18.94
N TYR B 69 -8.83 -2.25 19.79
CA TYR B 69 -8.09 -3.53 19.71
C TYR B 69 -8.29 -4.34 21.01
N LYS B 70 -8.49 -5.66 20.87
CA LYS B 70 -8.58 -6.61 22.01
C LYS B 70 -7.83 -7.87 21.63
N PHE B 71 -7.34 -8.59 22.63
CA PHE B 71 -6.74 -9.92 22.40
C PHE B 71 -7.76 -11.00 22.76
N GLN B 72 -7.98 -11.96 21.87
CA GLN B 72 -8.90 -13.10 22.10
C GLN B 72 -8.12 -14.40 21.87
N SER B 73 -7.96 -15.20 22.93
CA SER B 73 -7.31 -16.53 22.86
C SER B 73 -8.08 -17.42 21.88
N GLY B 74 -7.39 -18.12 20.98
CA GLY B 74 -7.97 -19.00 19.95
C GLY B 74 -8.25 -18.27 18.64
N THR B 75 -8.03 -16.94 18.59
CA THR B 75 -8.32 -16.06 17.41
C THR B 75 -7.15 -15.12 17.15
N GLY B 76 -6.61 -14.51 18.21
CA GLY B 76 -5.50 -13.55 18.10
C GLY B 76 -5.98 -12.14 18.40
N GLU B 77 -5.36 -11.15 17.78
CA GLU B 77 -5.70 -9.74 18.01
C GLU B 77 -6.89 -9.40 17.12
N VAL B 78 -7.92 -8.80 17.71
CA VAL B 78 -9.18 -8.43 17.03
C VAL B 78 -9.28 -6.91 16.99
N ALA B 79 -9.46 -6.36 15.79
CA ALA B 79 -9.62 -4.91 15.54
C ALA B 79 -11.11 -4.65 15.29
N THR B 80 -11.70 -3.71 16.02
CA THR B 80 -13.06 -3.21 15.80
C THR B 80 -12.92 -1.82 15.21
N PHE B 81 -13.35 -1.66 13.95
CA PHE B 81 -13.27 -0.40 13.18
C PHE B 81 -14.62 0.27 13.19
N THR B 82 -14.71 1.43 13.86
CA THR B 82 -15.78 2.46 13.72
C THR B 82 -15.42 3.42 12.57
N LEU B 83 -16.11 3.28 11.44
CA LEU B 83 -15.74 3.93 10.17
C LEU B 83 -16.04 5.43 10.25
N ILE B 84 -15.16 6.19 9.65
CA ILE B 84 -15.35 7.64 9.34
C ILE B 84 -15.03 7.78 7.85
N GLU B 85 -15.23 8.95 7.28
CA GLU B 85 -14.84 9.18 5.87
C GLU B 85 -13.34 9.45 5.89
N GLN B 86 -12.68 9.29 4.75
CA GLN B 86 -11.20 9.24 4.75
C GLN B 86 -10.62 10.64 4.92
N ASP B 87 -11.43 11.68 4.77
CA ASP B 87 -10.98 13.05 5.14
C ASP B 87 -11.17 13.30 6.64
N GLY B 88 -11.65 12.30 7.39
CA GLY B 88 -11.86 12.37 8.85
C GLY B 88 -13.25 12.91 9.22
N SER B 89 -14.08 13.30 8.25
CA SER B 89 -15.48 13.71 8.52
C SER B 89 -16.28 12.50 9.02
N ALA B 90 -17.39 12.77 9.71
CA ALA B 90 -18.30 11.73 10.25
C ALA B 90 -18.90 10.93 9.10
N TYR B 91 -18.94 9.59 9.20
CA TYR B 91 -19.71 8.70 8.31
C TYR B 91 -21.14 8.53 8.86
N VAL B 92 -22.12 8.86 8.02
CA VAL B 92 -23.58 8.81 8.32
C VAL B 92 -24.19 7.79 7.36
N PRO B 93 -24.67 6.61 7.83
CA PRO B 93 -25.42 5.69 6.98
C PRO B 93 -26.49 6.44 6.18
N GLY B 94 -26.48 6.29 4.85
CA GLY B 94 -27.28 7.13 3.95
C GLY B 94 -27.66 6.45 2.66
N ASP B 95 -27.51 7.19 1.56
CA ASP B 95 -28.00 6.81 0.21
C ASP B 95 -26.90 6.00 -0.53
N ARG B 96 -25.91 5.44 0.16
CA ARG B 96 -24.87 4.60 -0.49
C ARG B 96 -24.47 3.50 0.48
N ALA B 97 -23.65 2.57 -0.01
CA ALA B 97 -23.41 1.24 0.61
C ALA B 97 -22.43 1.36 1.75
N ALA B 98 -21.59 2.39 1.77
CA ALA B 98 -20.47 2.47 2.70
C ALA B 98 -19.84 3.85 2.58
N PRO B 99 -18.83 4.14 3.43
CA PRO B 99 -17.96 5.29 3.22
C PRO B 99 -17.38 5.29 1.81
N LEU B 100 -17.08 6.47 1.31
CA LEU B 100 -16.44 6.63 -0.02
C LEU B 100 -15.17 5.78 -0.11
N GLY B 101 -15.10 4.99 -1.16
CA GLY B 101 -13.92 4.24 -1.59
C GLY B 101 -13.84 2.87 -0.95
N TYR B 102 -14.81 2.53 -0.10
CA TYR B 102 -14.81 1.20 0.57
C TYR B 102 -14.76 0.14 -0.51
N PRO B 103 -14.04 -0.98 -0.31
CA PRO B 103 -13.96 -2.02 -1.33
C PRO B 103 -15.35 -2.46 -1.82
N ASP B 104 -15.48 -2.70 -3.13
CA ASP B 104 -16.75 -3.10 -3.80
C ASP B 104 -16.63 -4.48 -4.44
N PHE B 105 -15.73 -5.30 -3.90
CA PHE B 105 -15.50 -6.70 -4.33
C PHE B 105 -15.37 -7.58 -3.09
N SER B 106 -15.32 -8.88 -3.30
CA SER B 106 -15.41 -9.88 -2.23
C SER B 106 -14.10 -10.66 -2.11
N GLY B 107 -14.00 -11.46 -1.05
CA GLY B 107 -12.82 -12.30 -0.77
C GLY B 107 -12.26 -11.94 0.59
N GLN B 108 -10.96 -12.17 0.77
CA GLN B 108 -10.26 -11.92 2.06
C GLN B 108 -9.09 -10.98 1.77
N LEU B 109 -9.11 -9.84 2.43
CA LEU B 109 -8.14 -8.74 2.23
C LEU B 109 -7.12 -8.77 3.38
N GLU B 110 -5.83 -8.73 3.06
CA GLU B 110 -4.82 -8.21 4.02
C GLU B 110 -4.84 -6.69 3.94
N ILE B 111 -5.00 -6.05 5.09
CA ILE B 111 -4.96 -4.58 5.25
C ILE B 111 -3.78 -4.24 6.15
N GLU B 112 -3.33 -2.99 6.04
CA GLU B 112 -2.22 -2.43 6.85
C GLU B 112 -2.71 -1.15 7.51
N VAL B 113 -2.45 -1.01 8.81
CA VAL B 113 -2.77 0.25 9.55
C VAL B 113 -1.57 0.64 10.41
N GLN B 114 -1.43 1.94 10.67
CA GLN B 114 -0.54 2.47 11.73
C GLN B 114 -1.11 1.99 13.06
N THR B 115 -0.33 1.25 13.84
CA THR B 115 -0.66 0.91 15.24
C THR B 115 0.33 1.60 16.18
N GLU B 116 -0.12 1.81 17.40
CA GLU B 116 0.63 2.42 18.52
C GLU B 116 0.54 1.44 19.69
N THR B 117 1.66 0.93 20.21
CA THR B 117 1.71 0.02 21.39
C THR B 117 2.06 0.76 22.70
N THR B 118 1.64 0.20 23.84
CA THR B 118 2.09 0.59 25.19
C THR B 118 3.34 -0.22 25.55
N LYS B 119 3.70 -1.21 24.74
CA LYS B 119 4.89 -2.08 24.99
C LYS B 119 6.14 -1.20 25.14
N THR B 120 6.92 -1.42 26.21
CA THR B 120 8.16 -0.63 26.49
C THR B 120 9.18 -0.96 25.40
N GLY B 121 9.88 0.06 24.89
CA GLY B 121 10.83 -0.07 23.78
C GLY B 121 10.21 0.11 22.41
N ASP B 122 8.88 0.23 22.31
CA ASP B 122 8.17 0.27 21.01
C ASP B 122 7.08 1.36 21.08
N LYS B 123 6.56 1.77 19.93
CA LYS B 123 5.52 2.82 19.90
C LYS B 123 4.72 2.69 18.61
N LEU B 124 5.30 3.10 17.47
CA LEU B 124 4.60 3.08 16.16
C LEU B 124 5.22 2.00 15.29
N LYS B 125 4.35 1.19 14.67
CA LYS B 125 4.71 0.33 13.53
C LYS B 125 3.48 0.11 12.68
N VAL B 126 3.61 -0.59 11.57
CA VAL B 126 2.46 -0.94 10.71
C VAL B 126 2.12 -2.42 10.93
N THR B 127 0.85 -2.69 11.24
CA THR B 127 0.37 -4.06 11.50
C THR B 127 -0.50 -4.48 10.31
N THR B 128 -0.27 -5.69 9.81
CA THR B 128 -1.12 -6.41 8.84
C THR B 128 -2.25 -7.14 9.56
N PHE B 129 -3.51 -6.83 9.22
CA PHE B 129 -4.68 -7.65 9.60
C PHE B 129 -5.29 -8.34 8.38
N GLU B 130 -6.00 -9.41 8.69
CA GLU B 130 -6.90 -10.17 7.78
C GLU B 130 -8.33 -9.61 7.94
N MET B 131 -8.95 -9.25 6.81
CA MET B 131 -10.30 -8.67 6.84
C MET B 131 -11.18 -9.39 5.82
N ILE B 132 -12.27 -10.01 6.29
CA ILE B 132 -13.21 -10.72 5.38
C ILE B 132 -14.09 -9.66 4.70
N LEU B 133 -14.25 -9.69 3.38
CA LEU B 133 -15.11 -8.72 2.63
C LEU B 133 -16.49 -9.30 2.39
N GLY B 134 -16.53 -10.54 1.91
CA GLY B 134 -17.74 -11.28 1.54
C GLY B 134 -17.43 -12.39 0.55
N PRO B 135 -18.39 -12.81 -0.30
CA PRO B 135 -19.67 -12.09 -0.48
C PRO B 135 -20.59 -12.19 0.75
N THR B 136 -20.44 -13.30 1.49
CA THR B 136 -21.08 -13.57 2.80
C THR B 136 -19.96 -13.94 3.77
N THR B 137 -20.16 -13.65 5.06
CA THR B 137 -19.16 -13.90 6.13
C THR B 137 -19.88 -14.50 7.33
N ASN B 138 -19.12 -15.02 8.27
CA ASN B 138 -19.61 -15.50 9.59
C ASN B 138 -19.33 -14.44 10.66
N ALA B 139 -19.02 -13.19 10.29
CA ALA B 139 -18.44 -12.18 11.21
C ALA B 139 -19.25 -10.87 11.25
N ASP B 140 -20.42 -10.84 10.62
CA ASP B 140 -21.36 -9.68 10.65
C ASP B 140 -20.63 -8.37 10.28
N GLN B 141 -20.09 -8.28 9.07
CA GLN B 141 -19.51 -6.99 8.56
C GLN B 141 -20.66 -6.07 8.17
N ALA B 142 -20.63 -4.82 8.63
CA ALA B 142 -21.66 -3.84 8.22
C ALA B 142 -21.06 -2.46 8.02
N PRO B 143 -20.24 -2.26 6.97
CA PRO B 143 -19.70 -0.93 6.68
C PRO B 143 -20.81 0.09 6.38
N TYR B 144 -21.95 -0.34 5.84
CA TYR B 144 -23.16 0.53 5.77
C TYR B 144 -23.48 1.11 7.15
N GLN B 145 -23.45 0.28 8.19
CA GLN B 145 -23.80 0.70 9.57
C GLN B 145 -22.61 1.42 10.20
N GLY B 146 -21.43 1.44 9.57
CA GLY B 146 -20.24 2.14 10.10
C GLY B 146 -19.36 1.27 10.98
N ARG B 147 -19.46 -0.05 10.89
CA ARG B 147 -18.71 -0.98 11.77
C ARG B 147 -18.25 -2.21 10.97
N VAL B 148 -16.94 -2.52 11.05
CA VAL B 148 -16.27 -3.71 10.43
C VAL B 148 -15.18 -4.20 11.38
N PHE B 149 -14.78 -5.46 11.18
CA PHE B 149 -13.86 -6.26 12.03
C PHE B 149 -12.73 -6.82 11.17
N ALA B 150 -11.53 -6.81 11.75
CA ALA B 150 -10.35 -7.56 11.27
C ALA B 150 -9.66 -8.24 12.46
N SER B 151 -8.68 -9.08 12.15
CA SER B 151 -8.02 -9.90 13.18
C SER B 151 -6.75 -10.43 12.58
N VAL B 152 -5.77 -10.73 13.43
CA VAL B 152 -4.58 -11.47 12.94
C VAL B 152 -4.19 -12.46 14.04
N THR B 153 -3.74 -13.64 13.65
CA THR B 153 -3.27 -14.65 14.64
C THR B 153 -2.11 -13.98 15.40
N ALA B 154 -2.06 -14.17 16.72
CA ALA B 154 -1.01 -13.64 17.62
C ALA B 154 -0.93 -14.56 18.84
N ALA B 155 0.29 -14.91 19.27
CA ALA B 155 0.54 -15.74 20.46
C ALA B 155 -0.03 -15.02 21.69
N ALA B 156 0.14 -13.69 21.77
CA ALA B 156 -0.21 -12.84 22.93
C ALA B 156 -0.66 -11.45 22.47
N SER B 157 -1.38 -10.73 23.34
CA SER B 157 -1.79 -9.32 23.12
C SER B 157 -0.66 -8.54 22.43
N LEU B 158 -1.01 -7.72 21.43
CA LEU B 158 -0.05 -6.80 20.77
C LEU B 158 -0.02 -5.47 21.53
N ASP B 159 -0.91 -5.31 22.52
CA ASP B 159 -0.94 -4.18 23.49
C ASP B 159 -1.12 -2.87 22.74
N LEU B 160 -2.08 -2.83 21.79
CA LEU B 160 -2.27 -1.72 20.84
C LEU B 160 -3.18 -0.67 21.48
N VAL B 161 -2.86 0.60 21.25
CA VAL B 161 -3.66 1.79 21.71
C VAL B 161 -4.80 2.02 20.70
N ASP B 162 -5.94 2.48 21.19
CA ASP B 162 -7.09 2.82 20.32
C ASP B 162 -6.71 4.13 19.65
N GLY B 163 -7.07 4.28 18.39
CA GLY B 163 -6.62 5.44 17.60
C GLY B 163 -7.19 5.41 16.21
N ARG B 164 -7.02 6.53 15.52
CA ARG B 164 -7.52 6.73 14.14
C ARG B 164 -6.58 5.98 13.19
N VAL B 165 -7.13 5.28 12.21
CA VAL B 165 -6.37 4.50 11.18
C VAL B 165 -6.84 4.91 9.79
N ARG B 166 -6.02 4.63 8.78
CA ARG B 166 -6.51 4.45 7.40
C ARG B 166 -6.05 3.08 6.91
N ALA B 167 -6.97 2.12 6.77
CA ALA B 167 -6.63 0.77 6.27
C ALA B 167 -6.36 0.84 4.76
N VAL B 168 -5.19 0.36 4.32
CA VAL B 168 -4.81 0.27 2.88
C VAL B 168 -4.59 -1.19 2.54
N PRO B 169 -4.91 -1.57 1.29
CA PRO B 169 -4.94 -2.99 0.92
C PRO B 169 -3.53 -3.51 0.54
N ARG B 170 -3.16 -4.64 1.14
CA ARG B 170 -1.86 -5.33 0.96
C ARG B 170 -2.04 -6.46 -0.05
N SER B 171 -3.09 -7.27 0.08
CA SER B 171 -3.33 -8.41 -0.84
C SER B 171 -4.79 -8.87 -0.80
N ILE B 172 -5.18 -9.64 -1.81
CA ILE B 172 -6.51 -10.30 -1.90
C ILE B 172 -6.28 -11.82 -2.04
N TYR B 173 -7.20 -12.57 -1.44
CA TYR B 173 -7.21 -14.05 -1.33
C TYR B 173 -8.65 -14.45 -1.59
N GLY B 174 -8.88 -15.35 -2.56
CA GLY B 174 -10.23 -15.76 -2.99
C GLY B 174 -11.04 -14.58 -3.52
N PHE B 175 -10.42 -13.75 -4.35
CA PHE B 175 -11.10 -12.57 -4.96
C PHE B 175 -12.37 -13.08 -5.63
N GLN B 176 -13.47 -12.34 -5.50
CA GLN B 176 -14.68 -12.54 -6.32
C GLN B 176 -15.21 -11.16 -6.68
N ASP B 177 -15.47 -10.91 -7.98
CA ASP B 177 -16.00 -9.62 -8.42
C ASP B 177 -17.50 -9.66 -8.22
N THR B 178 -17.90 -9.69 -6.96
CA THR B 178 -19.30 -9.48 -6.56
C THR B 178 -19.24 -8.60 -5.31
N ILE B 179 -20.29 -7.81 -5.08
CA ILE B 179 -20.32 -6.83 -3.97
C ILE B 179 -20.07 -7.55 -2.64
N PRO B 180 -19.38 -6.86 -1.70
CA PRO B 180 -19.09 -7.42 -0.38
C PRO B 180 -20.35 -7.37 0.48
N GLU B 181 -20.24 -7.92 1.69
CA GLU B 181 -21.24 -7.81 2.76
C GLU B 181 -21.23 -6.38 3.31
N TYR B 182 -22.12 -5.53 2.80
CA TYR B 182 -22.17 -4.10 3.22
C TYR B 182 -22.94 -3.97 4.54
N ASN B 183 -23.77 -4.96 4.89
CA ASN B 183 -24.81 -4.76 5.94
C ASN B 183 -25.29 -6.11 6.48
N ASP B 184 -24.35 -7.01 6.83
CA ASP B 184 -24.66 -8.22 7.62
C ASP B 184 -25.75 -9.03 6.93
N GLY B 185 -25.65 -9.25 5.62
CA GLY B 185 -26.61 -10.08 4.87
C GLY B 185 -27.74 -9.28 4.27
N LEU B 186 -27.93 -8.02 4.63
CA LEU B 186 -29.05 -7.20 4.12
C LEU B 186 -28.59 -6.32 2.96
N LEU B 187 -29.53 -5.97 2.08
CA LEU B 187 -29.35 -5.00 0.98
C LEU B 187 -29.09 -3.60 1.54
N VAL B 188 -28.44 -2.79 0.73
CA VAL B 188 -28.14 -1.37 1.02
C VAL B 188 -28.48 -0.60 -0.24
N PRO B 189 -28.52 0.75 -0.23
CA PRO B 189 -28.65 1.51 -1.48
C PRO B 189 -27.39 1.33 -2.33
N LEU B 190 -27.55 0.85 -3.57
CA LEU B 190 -26.45 0.55 -4.53
C LEU B 190 -26.66 1.39 -5.79
N ALA B 191 -25.56 1.84 -6.40
CA ALA B 191 -25.54 2.23 -7.83
C ALA B 191 -26.13 1.08 -8.62
N PRO B 192 -26.95 1.34 -9.66
CA PRO B 192 -27.61 0.28 -10.42
C PRO B 192 -26.61 -0.54 -11.22
N PRO B 193 -26.97 -1.77 -11.67
CA PRO B 193 -26.11 -2.53 -12.56
C PRO B 193 -25.75 -1.66 -13.79
N ILE B 194 -24.54 -1.79 -14.31
CA ILE B 194 -24.08 -0.96 -15.46
C ILE B 194 -24.95 -1.40 -16.66
N GLY B 195 -25.43 -0.45 -17.46
CA GLY B 195 -26.36 -0.72 -18.58
C GLY B 195 -27.49 0.30 -18.60
N PRO B 196 -28.47 0.18 -19.54
CA PRO B 196 -28.56 -0.94 -20.45
C PRO B 196 -27.69 -0.71 -21.71
N PHE B 197 -27.61 -1.72 -22.57
CA PHE B 197 -26.83 -1.73 -23.84
C PHE B 197 -27.74 -2.06 -25.02
N LEU B 198 -27.43 -1.51 -26.19
CA LEU B 198 -28.05 -1.90 -27.49
C LEU B 198 -27.68 -3.35 -27.77
N PRO B 199 -28.53 -4.12 -28.50
CA PRO B 199 -28.10 -5.42 -29.03
C PRO B 199 -26.75 -5.25 -29.74
N GLY B 200 -25.77 -6.08 -29.38
CA GLY B 200 -24.41 -6.10 -29.98
C GLY B 200 -23.43 -5.16 -29.28
N GLU B 201 -23.88 -4.42 -28.27
CA GLU B 201 -23.00 -3.55 -27.46
C GLU B 201 -22.44 -4.35 -26.29
N VAL B 202 -21.20 -4.12 -25.95
CA VAL B 202 -20.55 -4.71 -24.74
C VAL B 202 -19.75 -3.63 -24.02
N LEU B 203 -19.54 -3.85 -22.73
CA LEU B 203 -18.88 -2.91 -21.80
C LEU B 203 -17.38 -2.79 -22.10
N LEU B 204 -16.87 -1.59 -22.21
CA LEU B 204 -15.40 -1.40 -22.30
C LEU B 204 -14.83 -1.47 -20.88
N ARG B 205 -13.76 -2.24 -20.71
CA ARG B 205 -13.21 -2.58 -19.37
C ARG B 205 -11.80 -1.98 -19.28
N PHE B 206 -11.56 -1.20 -18.23
CA PHE B 206 -10.18 -0.76 -17.85
C PHE B 206 -9.69 -1.72 -16.77
N ARG B 207 -8.56 -2.39 -17.03
CA ARG B 207 -8.13 -3.56 -16.21
C ARG B 207 -6.84 -3.28 -15.43
N THR B 208 -6.80 -3.73 -14.17
CA THR B 208 -5.58 -3.83 -13.35
C THR B 208 -5.49 -5.23 -12.73
N TYR B 209 -4.39 -5.48 -12.04
CA TYR B 209 -4.08 -6.77 -11.38
C TYR B 209 -3.78 -6.47 -9.91
N MET B 210 -4.29 -7.33 -9.03
CA MET B 210 -4.29 -7.17 -7.56
C MET B 210 -3.22 -8.09 -6.97
N ARG B 211 -2.32 -7.55 -6.14
CA ARG B 211 -1.41 -8.36 -5.26
C ARG B 211 -2.24 -9.49 -4.64
N GLN B 212 -1.69 -10.70 -4.68
CA GLN B 212 -2.48 -11.93 -4.42
C GLN B 212 -1.80 -12.88 -3.44
N ILE B 213 -2.60 -13.54 -2.59
CA ILE B 213 -2.22 -14.84 -1.96
C ILE B 213 -2.90 -15.95 -2.76
N ASP B 214 -2.11 -16.91 -3.25
CA ASP B 214 -2.66 -18.14 -3.88
C ASP B 214 -1.64 -19.28 -3.71
N THR B 215 -2.08 -20.53 -3.64
CA THR B 215 -1.16 -21.64 -3.24
C THR B 215 -0.58 -22.39 -4.46
N ALA B 216 -1.31 -22.48 -5.57
CA ALA B 216 -0.92 -23.29 -6.76
C ALA B 216 -0.77 -22.40 -8.00
N ASP B 217 -1.72 -21.49 -8.22
CA ASP B 217 -1.90 -20.74 -9.48
C ASP B 217 -1.14 -19.40 -9.43
N ALA B 218 -0.24 -19.19 -10.40
CA ALA B 218 0.61 -17.98 -10.48
C ALA B 218 -0.14 -16.89 -11.27
N ALA B 219 -1.28 -17.20 -11.89
CA ALA B 219 -2.01 -16.27 -12.79
C ALA B 219 -2.45 -15.01 -12.02
N ALA B 220 -2.17 -13.83 -12.58
CA ALA B 220 -2.49 -12.51 -12.01
C ALA B 220 -4.00 -12.39 -11.78
N GLU B 221 -4.43 -11.63 -10.76
CA GLU B 221 -5.87 -11.49 -10.44
C GLU B 221 -6.39 -10.20 -11.07
N ALA B 222 -7.21 -10.34 -12.10
CA ALA B 222 -7.74 -9.21 -12.89
C ALA B 222 -8.90 -8.54 -12.15
N ILE B 223 -8.97 -7.21 -12.25
CA ILE B 223 -10.16 -6.43 -11.80
C ILE B 223 -10.39 -5.32 -12.84
N ASP B 224 -11.64 -5.18 -13.27
CA ASP B 224 -12.07 -4.21 -14.31
C ASP B 224 -12.80 -3.05 -13.66
N CYS B 225 -12.77 -1.89 -14.32
CA CYS B 225 -13.63 -0.74 -13.95
C CYS B 225 -14.09 -0.05 -15.23
N ALA B 226 -15.13 0.77 -15.09
CA ALA B 226 -15.88 1.36 -16.22
C ALA B 226 -15.11 2.57 -16.77
N LEU B 227 -14.40 3.31 -15.92
CA LEU B 227 -13.60 4.50 -16.28
C LEU B 227 -12.35 4.57 -15.41
N PRO B 228 -11.21 5.09 -15.92
CA PRO B 228 -10.06 5.34 -15.06
C PRO B 228 -10.45 6.44 -14.07
N GLN B 229 -9.74 6.51 -12.93
CA GLN B 229 -10.04 7.50 -11.87
C GLN B 229 -9.90 8.92 -12.44
N GLU B 230 -8.97 9.15 -13.36
CA GLU B 230 -8.74 10.49 -13.93
C GLU B 230 -10.01 11.01 -14.64
N PHE B 231 -10.80 10.12 -15.28
CA PHE B 231 -12.06 10.50 -15.98
C PHE B 231 -13.15 10.74 -14.94
N VAL B 232 -13.17 9.92 -13.87
CA VAL B 232 -14.02 10.16 -12.66
C VAL B 232 -13.78 11.58 -12.12
N SER B 233 -12.53 11.92 -11.78
CA SER B 233 -12.17 13.24 -11.18
C SER B 233 -12.48 14.37 -12.17
N TRP B 234 -12.20 14.20 -13.46
CA TRP B 234 -12.51 15.17 -14.55
C TRP B 234 -14.00 15.55 -14.54
N PHE B 235 -14.89 14.56 -14.65
CA PHE B 235 -16.37 14.78 -14.65
C PHE B 235 -16.81 15.45 -13.33
N ALA B 236 -16.34 14.98 -12.18
CA ALA B 236 -16.63 15.61 -10.87
C ALA B 236 -16.15 17.07 -10.87
N SER B 237 -14.97 17.37 -11.43
CA SER B 237 -14.31 18.71 -11.36
C SER B 237 -14.94 19.70 -12.32
N ASN B 238 -15.64 19.25 -13.38
CA ASN B 238 -16.08 20.11 -14.51
C ASN B 238 -17.58 20.43 -14.44
N ALA B 239 -18.41 19.55 -13.87
CA ALA B 239 -19.88 19.66 -13.97
C ALA B 239 -20.31 20.22 -15.35
N PHE B 240 -20.25 19.36 -16.38
CA PHE B 240 -20.61 19.67 -17.79
C PHE B 240 -22.13 19.70 -17.96
N THR B 241 -22.61 20.53 -18.88
CA THR B 241 -24.02 20.54 -19.34
C THR B 241 -24.21 19.34 -20.26
N VAL B 242 -25.16 18.46 -20.01
CA VAL B 242 -25.32 17.25 -20.86
C VAL B 242 -26.49 17.48 -21.83
N GLN B 243 -26.23 17.35 -23.14
CA GLN B 243 -27.18 17.65 -24.25
C GLN B 243 -27.94 16.39 -24.69
N SER B 244 -27.29 15.23 -24.71
CA SER B 244 -27.84 13.99 -25.31
C SER B 244 -27.71 12.86 -24.30
N GLU B 245 -28.12 11.65 -24.70
CA GLU B 245 -28.05 10.44 -23.85
C GLU B 245 -26.64 9.86 -23.92
N ALA B 246 -25.88 10.18 -24.97
CA ALA B 246 -24.55 9.54 -25.23
C ALA B 246 -23.64 10.48 -26.02
N LEU B 247 -22.33 10.28 -25.85
CA LEU B 247 -21.24 10.96 -26.59
C LEU B 247 -20.54 9.90 -27.44
N LEU B 248 -20.27 10.20 -28.71
CA LEU B 248 -19.44 9.31 -29.56
C LEU B 248 -17.97 9.67 -29.29
N LEU B 249 -17.18 8.67 -28.89
CA LEU B 249 -15.72 8.80 -28.67
C LEU B 249 -15.06 7.99 -29.77
N ARG B 250 -13.95 8.51 -30.29
CA ARG B 250 -12.97 7.75 -31.09
C ARG B 250 -11.68 7.59 -30.29
N TYR B 251 -11.30 6.34 -30.04
CA TYR B 251 -9.97 5.97 -29.49
C TYR B 251 -9.00 5.91 -30.67
N ARG B 252 -7.94 6.72 -30.65
CA ARG B 252 -7.04 6.95 -31.81
C ARG B 252 -5.59 6.73 -31.39
N ASN B 253 -4.76 6.20 -32.30
CA ASN B 253 -3.27 6.28 -32.22
C ASN B 253 -2.87 7.76 -32.17
N THR B 254 -2.06 8.15 -31.18
CA THR B 254 -1.53 9.54 -30.96
C THR B 254 -0.66 10.05 -32.12
N LEU B 255 0.09 9.18 -32.79
CA LEU B 255 1.04 9.56 -33.87
C LEU B 255 0.32 9.63 -35.22
N THR B 256 -0.46 8.62 -35.61
CA THR B 256 -1.03 8.52 -36.98
C THR B 256 -2.47 9.06 -37.04
N GLY B 257 -3.18 9.11 -35.90
CA GLY B 257 -4.62 9.37 -35.84
C GLY B 257 -5.45 8.18 -36.31
N GLN B 258 -4.81 7.04 -36.60
CA GLN B 258 -5.52 5.80 -36.99
C GLN B 258 -6.61 5.53 -35.95
N LEU B 259 -7.84 5.36 -36.41
CA LEU B 259 -8.97 4.92 -35.54
C LEU B 259 -8.68 3.48 -35.09
N LEU B 260 -8.76 3.24 -33.78
CA LEU B 260 -8.61 1.88 -33.23
C LEU B 260 -10.00 1.32 -32.95
N PHE B 261 -10.93 2.17 -32.50
CA PHE B 261 -12.36 1.81 -32.30
C PHE B 261 -13.13 3.09 -31.97
N GLU B 262 -14.41 3.12 -32.36
CA GLU B 262 -15.35 4.16 -31.89
C GLU B 262 -16.22 3.51 -30.83
N CYS B 263 -16.75 4.32 -29.95
CA CYS B 263 -17.52 3.81 -28.80
C CYS B 263 -18.48 4.90 -28.32
N LYS B 264 -19.51 4.48 -27.58
CA LYS B 264 -20.47 5.40 -26.95
C LYS B 264 -20.18 5.46 -25.45
N LEU B 265 -19.88 6.65 -24.95
CA LEU B 265 -19.88 6.97 -23.50
C LEU B 265 -21.29 7.45 -23.16
N TYR B 266 -22.10 6.56 -22.61
CA TYR B 266 -23.46 6.86 -22.09
C TYR B 266 -23.27 7.88 -20.98
N ASN B 267 -24.17 8.85 -20.88
CA ASN B 267 -24.00 9.91 -19.85
C ASN B 267 -24.14 9.31 -18.43
N GLU B 268 -24.60 8.06 -18.27
CA GLU B 268 -24.60 7.32 -16.98
C GLU B 268 -23.21 6.73 -16.68
N GLY B 269 -22.23 6.91 -17.57
CA GLY B 269 -20.80 6.85 -17.21
C GLY B 269 -20.11 5.53 -17.53
N TYR B 270 -20.64 4.75 -18.48
CA TYR B 270 -20.02 3.49 -18.94
C TYR B 270 -19.86 3.58 -20.45
N ILE B 271 -18.89 2.85 -21.00
CA ILE B 271 -18.54 2.91 -22.45
C ILE B 271 -18.95 1.60 -23.12
N ALA B 272 -19.70 1.67 -24.23
CA ALA B 272 -20.03 0.52 -25.08
C ALA B 272 -19.27 0.58 -26.42
N LEU B 273 -18.82 -0.61 -26.86
CA LEU B 273 -18.39 -0.96 -28.23
C LEU B 273 -19.40 -1.94 -28.83
N SER B 274 -19.59 -1.88 -30.14
CA SER B 274 -20.37 -2.90 -30.87
C SER B 274 -19.40 -4.02 -31.22
N TYR B 275 -19.50 -5.19 -30.59
CA TYR B 275 -18.56 -6.32 -30.83
C TYR B 275 -19.31 -7.64 -30.68
N SER B 276 -19.28 -8.49 -31.71
CA SER B 276 -20.03 -9.78 -31.74
C SER B 276 -19.09 -10.99 -31.64
N GLY B 277 -17.79 -10.78 -31.36
CA GLY B 277 -16.81 -11.87 -31.20
C GLY B 277 -17.11 -12.72 -29.97
N SER B 278 -16.58 -13.96 -29.92
CA SER B 278 -16.86 -14.94 -28.85
C SER B 278 -16.01 -14.64 -27.60
N GLY B 279 -14.73 -14.31 -27.79
CA GLY B 279 -13.74 -14.24 -26.71
C GLY B 279 -13.24 -12.82 -26.48
N PRO B 280 -12.36 -12.61 -25.47
CA PRO B 280 -11.76 -11.32 -25.20
C PRO B 280 -11.08 -10.68 -26.41
N LEU B 281 -11.26 -9.37 -26.56
CA LEU B 281 -10.44 -8.56 -27.48
C LEU B 281 -9.81 -7.42 -26.69
N THR B 282 -8.48 -7.37 -26.75
CA THR B 282 -7.63 -6.38 -26.05
C THR B 282 -7.27 -5.27 -27.05
N PHE B 283 -7.02 -4.09 -26.50
CA PHE B 283 -6.70 -2.87 -27.25
C PHE B 283 -5.39 -2.32 -26.71
N PRO B 284 -4.65 -1.61 -27.60
CA PRO B 284 -3.53 -0.78 -27.21
C PRO B 284 -3.94 0.18 -26.09
N THR B 285 -3.04 0.40 -25.13
CA THR B 285 -3.28 1.27 -23.93
C THR B 285 -2.59 2.63 -24.12
N ASP B 286 -1.95 2.89 -25.28
CA ASP B 286 -1.22 4.16 -25.57
C ASP B 286 -2.03 5.01 -26.56
N GLY B 287 -3.33 4.76 -26.73
CA GLY B 287 -4.19 5.63 -27.57
C GLY B 287 -4.78 6.79 -26.79
N ILE B 288 -5.52 7.68 -27.44
CA ILE B 288 -6.24 8.82 -26.80
C ILE B 288 -7.72 8.76 -27.17
N PHE B 289 -8.60 8.88 -26.17
CA PHE B 289 -10.06 9.05 -26.36
C PHE B 289 -10.29 10.52 -26.77
N GLU B 290 -10.98 10.72 -27.88
CA GLU B 290 -11.38 12.06 -28.37
C GLU B 290 -12.90 12.09 -28.42
N VAL B 291 -13.51 13.15 -27.90
CA VAL B 291 -14.98 13.36 -27.92
C VAL B 291 -15.33 13.85 -29.32
N VAL B 292 -16.15 13.08 -30.04
CA VAL B 292 -16.52 13.42 -31.44
C VAL B 292 -17.73 14.36 -31.38
N SER B 293 -18.81 13.91 -30.74
CA SER B 293 -20.10 14.65 -30.70
C SER B 293 -21.04 13.94 -29.72
N TRP B 294 -22.12 14.64 -29.35
CA TRP B 294 -23.35 14.04 -28.80
C TRP B 294 -23.96 13.14 -29.88
N VAL B 295 -24.53 12.02 -29.47
CA VAL B 295 -25.35 11.10 -30.31
C VAL B 295 -26.52 10.62 -29.47
N PRO B 296 -27.67 10.26 -30.09
CA PRO B 296 -28.78 9.67 -29.35
C PRO B 296 -28.40 8.30 -28.77
N ARG B 297 -29.17 7.84 -27.79
CA ARG B 297 -28.95 6.54 -27.11
C ARG B 297 -29.00 5.42 -28.16
N LEU B 298 -29.85 5.57 -29.19
CA LEU B 298 -30.13 4.50 -30.18
C LEU B 298 -29.04 4.47 -31.26
N TYR B 299 -28.04 5.34 -31.22
CA TYR B 299 -26.96 5.38 -32.24
C TYR B 299 -26.27 4.01 -32.36
N GLN B 300 -26.21 3.49 -33.58
CA GLN B 300 -25.64 2.15 -33.87
C GLN B 300 -24.18 2.36 -34.28
N LEU B 301 -23.27 1.80 -33.49
CA LEU B 301 -21.80 1.93 -33.73
C LEU B 301 -21.39 1.01 -34.88
N ALA B 302 -20.35 1.42 -35.60
CA ALA B 302 -19.59 0.52 -36.50
C ALA B 302 -18.94 -0.53 -35.59
N SER B 303 -19.14 -1.81 -35.91
CA SER B 303 -18.59 -2.97 -35.16
C SER B 303 -17.07 -2.91 -35.17
N VAL B 304 -16.43 -3.40 -34.11
CA VAL B 304 -14.94 -3.48 -34.00
C VAL B 304 -14.50 -4.82 -34.57
N VAL C 2 -14.42 -28.00 18.52
CA VAL C 2 -14.90 -29.18 17.72
C VAL C 2 -13.83 -30.27 17.80
N GLN C 3 -14.24 -31.54 17.81
CA GLN C 3 -13.33 -32.71 17.73
C GLN C 3 -13.56 -33.38 16.37
N LEU C 4 -12.47 -33.77 15.71
CA LEU C 4 -12.49 -34.40 14.36
C LEU C 4 -11.88 -35.80 14.46
N GLN C 5 -12.69 -36.80 14.14
CA GLN C 5 -12.35 -38.24 14.22
C GLN C 5 -12.38 -38.79 12.80
N GLU C 6 -11.21 -39.11 12.24
CA GLU C 6 -11.14 -39.67 10.88
C GLU C 6 -11.21 -41.19 11.00
N SER C 7 -11.66 -41.83 9.94
CA SER C 7 -11.65 -43.29 9.77
C SER C 7 -11.71 -43.55 8.27
N GLY C 8 -11.64 -44.81 7.85
CA GLY C 8 -11.47 -45.21 6.44
C GLY C 8 -10.01 -45.42 6.17
N GLY C 9 -9.52 -44.96 5.01
CA GLY C 9 -8.14 -45.17 4.55
C GLY C 9 -7.90 -46.63 4.18
N GLY C 10 -6.65 -47.07 4.27
CA GLY C 10 -6.28 -48.49 4.10
C GLY C 10 -5.20 -48.70 3.06
N LEU C 11 -5.07 -49.94 2.61
CA LEU C 11 -4.07 -50.39 1.60
C LEU C 11 -4.83 -50.87 0.35
N VAL C 12 -4.49 -50.35 -0.83
CA VAL C 12 -5.07 -50.80 -2.13
C VAL C 12 -3.98 -50.69 -3.20
N GLN C 13 -4.21 -51.25 -4.39
CA GLN C 13 -3.29 -51.12 -5.54
C GLN C 13 -3.64 -49.86 -6.33
N ALA C 14 -2.65 -49.28 -7.03
CA ALA C 14 -2.83 -48.15 -7.98
C ALA C 14 -4.10 -48.39 -8.77
N GLY C 15 -4.93 -47.35 -8.93
CA GLY C 15 -6.18 -47.40 -9.71
C GLY C 15 -7.40 -47.77 -8.88
N ASP C 16 -7.21 -48.32 -7.67
CA ASP C 16 -8.35 -48.58 -6.75
C ASP C 16 -8.69 -47.28 -6.02
N SER C 17 -9.82 -47.27 -5.32
CA SER C 17 -10.41 -46.08 -4.66
C SER C 17 -10.65 -46.37 -3.18
N LEU C 18 -10.52 -45.33 -2.35
CA LEU C 18 -10.80 -45.39 -0.91
C LEU C 18 -11.64 -44.21 -0.49
N ARG C 19 -12.08 -44.23 0.76
CA ARG C 19 -12.90 -43.19 1.43
C ARG C 19 -12.22 -42.81 2.72
N VAL C 20 -12.17 -41.52 3.01
CA VAL C 20 -11.84 -41.06 4.39
C VAL C 20 -13.06 -40.26 4.85
N SER C 21 -13.54 -40.57 6.05
CA SER C 21 -14.66 -39.90 6.73
C SER C 21 -14.08 -39.09 7.89
N CYS C 22 -14.50 -37.83 8.01
CA CYS C 22 -14.10 -36.92 9.09
C CYS C 22 -15.36 -36.52 9.88
N ALA C 23 -15.69 -37.30 10.91
CA ALA C 23 -16.88 -37.11 11.77
C ALA C 23 -16.57 -36.08 12.86
N ALA C 24 -17.33 -35.00 12.88
CA ALA C 24 -17.23 -33.94 13.91
C ALA C 24 -18.14 -34.30 15.08
N SER C 25 -17.69 -34.02 16.31
CA SER C 25 -18.50 -34.02 17.55
C SER C 25 -18.14 -32.79 18.39
N GLY C 26 -19.06 -32.38 19.30
CA GLY C 26 -18.87 -31.23 20.22
C GLY C 26 -19.47 -29.95 19.66
N ARG C 27 -19.48 -29.80 18.33
CA ARG C 27 -19.96 -28.58 17.64
C ARG C 27 -20.32 -28.95 16.20
N THR C 28 -21.18 -28.16 15.54
CA THR C 28 -21.59 -28.35 14.13
C THR C 28 -20.47 -27.88 13.18
N ILE C 29 -20.23 -28.58 12.07
CA ILE C 29 -19.31 -28.11 10.99
C ILE C 29 -20.14 -27.65 9.78
N SER C 30 -21.48 -27.54 9.91
CA SER C 30 -22.39 -27.25 8.78
C SER C 30 -22.05 -25.91 8.12
N SER C 31 -21.37 -24.99 8.83
CA SER C 31 -20.96 -23.66 8.31
C SER C 31 -19.44 -23.44 8.45
N SER C 32 -18.68 -24.51 8.68
CA SER C 32 -17.23 -24.45 8.88
C SER C 32 -16.57 -24.70 7.54
N PRO C 33 -15.66 -23.81 7.07
CA PRO C 33 -14.69 -24.15 6.04
C PRO C 33 -13.89 -25.38 6.52
N MET C 34 -13.80 -26.40 5.66
CA MET C 34 -13.14 -27.69 5.97
C MET C 34 -12.04 -27.91 4.94
N GLY C 35 -10.88 -28.42 5.38
CA GLY C 35 -9.72 -28.69 4.54
C GLY C 35 -9.22 -30.12 4.67
N TRP C 36 -8.59 -30.63 3.62
CA TRP C 36 -7.87 -31.94 3.56
C TRP C 36 -6.41 -31.65 3.19
N PHE C 37 -5.50 -32.20 3.99
CA PHE C 37 -4.04 -32.17 3.81
C PHE C 37 -3.54 -33.59 4.00
N ARG C 38 -2.47 -33.95 3.32
CA ARG C 38 -1.85 -35.28 3.47
C ARG C 38 -0.39 -35.06 3.82
N GLN C 39 0.15 -35.98 4.62
CA GLN C 39 1.55 -35.93 5.10
C GLN C 39 2.13 -37.34 5.06
N ALA C 40 3.09 -37.57 4.17
CA ALA C 40 3.99 -38.75 4.20
C ALA C 40 5.04 -38.45 5.27
N PRO C 41 5.12 -39.25 6.36
CA PRO C 41 6.04 -38.93 7.46
C PRO C 41 7.46 -38.72 6.91
N GLY C 42 8.11 -37.63 7.31
CA GLY C 42 9.44 -37.22 6.80
C GLY C 42 9.33 -36.12 5.76
N LYS C 43 8.15 -35.94 5.16
CA LYS C 43 7.83 -34.81 4.24
C LYS C 43 6.86 -33.84 4.92
N GLU C 44 6.66 -32.67 4.32
CA GLU C 44 5.84 -31.55 4.88
C GLU C 44 4.37 -31.87 4.61
N ARG C 45 3.45 -31.32 5.41
CA ARG C 45 1.98 -31.47 5.21
C ARG C 45 1.58 -30.56 4.04
N GLU C 46 0.81 -31.08 3.07
CA GLU C 46 0.42 -30.31 1.87
C GLU C 46 -1.08 -30.39 1.64
N PHE C 47 -1.60 -29.32 1.06
CA PHE C 47 -3.04 -29.14 0.73
C PHE C 47 -3.50 -30.18 -0.29
N VAL C 48 -4.69 -30.76 -0.10
CA VAL C 48 -5.32 -31.67 -1.10
C VAL C 48 -6.63 -31.05 -1.64
N ALA C 49 -7.56 -30.76 -0.73
CA ALA C 49 -8.94 -30.34 -1.04
C ALA C 49 -9.47 -29.44 0.08
N ALA C 50 -10.39 -28.55 -0.26
CA ALA C 50 -11.12 -27.74 0.72
C ALA C 50 -12.55 -27.50 0.22
N ILE C 51 -13.43 -27.27 1.18
CA ILE C 51 -14.84 -26.86 0.94
C ILE C 51 -15.09 -25.61 1.77
N SER C 52 -15.71 -24.61 1.14
CA SER C 52 -16.04 -23.28 1.72
C SER C 52 -17.04 -23.47 2.85
N GLY C 53 -17.14 -22.48 3.74
CA GLY C 53 -18.07 -22.51 4.87
C GLY C 53 -19.49 -22.82 4.43
N ASN C 54 -19.99 -22.13 3.39
CA ASN C 54 -21.39 -22.28 2.88
C ASN C 54 -21.52 -23.55 2.01
N GLY C 55 -20.44 -24.29 1.76
CA GLY C 55 -20.48 -25.60 1.10
C GLY C 55 -20.61 -25.49 -0.42
N GLY C 56 -20.51 -24.28 -0.98
CA GLY C 56 -20.81 -23.99 -2.39
C GLY C 56 -19.58 -23.98 -3.27
N ASN C 57 -18.41 -23.69 -2.69
CA ASN C 57 -17.10 -23.69 -3.39
C ASN C 57 -16.25 -24.86 -2.87
N THR C 58 -15.64 -25.60 -3.78
CA THR C 58 -14.55 -26.56 -3.49
C THR C 58 -13.37 -26.19 -4.37
N TYR C 59 -12.17 -26.53 -3.91
CA TYR C 59 -10.86 -26.38 -4.60
C TYR C 59 -10.05 -27.66 -4.35
N TYR C 60 -9.31 -28.11 -5.37
CA TYR C 60 -8.47 -29.34 -5.34
C TYR C 60 -7.05 -29.00 -5.78
N LEU C 61 -6.05 -29.59 -5.14
CA LEU C 61 -4.67 -29.70 -5.71
C LEU C 61 -4.81 -30.16 -7.16
N ASP C 62 -4.18 -29.44 -8.08
CA ASP C 62 -4.17 -29.72 -9.55
C ASP C 62 -4.06 -31.22 -9.78
N SER C 63 -2.99 -31.84 -9.26
CA SER C 63 -2.57 -33.25 -9.48
C SER C 63 -3.62 -34.26 -8.99
N VAL C 64 -4.68 -33.83 -8.28
CA VAL C 64 -5.76 -34.74 -7.78
C VAL C 64 -7.11 -34.37 -8.39
N LYS C 65 -7.22 -33.26 -9.12
CA LYS C 65 -8.53 -32.81 -9.67
C LYS C 65 -8.98 -33.87 -10.70
N GLY C 66 -10.25 -34.29 -10.60
CA GLY C 66 -10.86 -35.35 -11.43
C GLY C 66 -10.75 -36.73 -10.83
N ARG C 67 -9.94 -36.86 -9.77
CA ARG C 67 -9.65 -38.13 -9.05
C ARG C 67 -10.27 -38.08 -7.66
N PHE C 68 -10.04 -36.98 -6.90
CA PHE C 68 -10.62 -36.78 -5.55
C PHE C 68 -11.79 -35.78 -5.58
N THR C 69 -12.80 -36.04 -4.76
CA THR C 69 -13.89 -35.09 -4.45
C THR C 69 -14.10 -35.04 -2.93
N THR C 70 -14.56 -33.90 -2.42
CA THR C 70 -15.03 -33.75 -1.04
C THR C 70 -16.45 -33.18 -1.06
N SER C 71 -17.28 -33.66 -0.14
CA SER C 71 -18.62 -33.13 0.15
C SER C 71 -18.82 -33.17 1.66
N ARG C 72 -19.69 -32.33 2.20
CA ARG C 72 -20.04 -32.29 3.65
C ARG C 72 -21.49 -32.74 3.76
N ASP C 73 -21.79 -33.62 4.72
CA ASP C 73 -23.16 -34.07 5.04
C ASP C 73 -23.53 -33.40 6.37
N ASN C 74 -24.33 -32.34 6.35
CA ASN C 74 -24.63 -31.52 7.55
C ASN C 74 -25.40 -32.37 8.57
N ALA C 75 -26.33 -33.22 8.11
CA ALA C 75 -27.18 -34.11 8.94
C ALA C 75 -26.28 -34.96 9.86
N LYS C 76 -25.22 -35.54 9.28
CA LYS C 76 -24.30 -36.50 9.95
C LYS C 76 -23.10 -35.76 10.56
N ASN C 77 -23.01 -34.45 10.33
CA ASN C 77 -21.92 -33.59 10.85
C ASN C 77 -20.56 -34.16 10.44
N THR C 78 -20.42 -34.57 9.17
CA THR C 78 -19.27 -35.36 8.66
C THR C 78 -18.85 -34.85 7.29
N VAL C 79 -17.54 -34.65 7.08
CA VAL C 79 -16.96 -34.31 5.74
C VAL C 79 -16.29 -35.57 5.20
N TYR C 80 -16.46 -35.81 3.91
CA TYR C 80 -15.95 -37.02 3.20
C TYR C 80 -14.92 -36.59 2.16
N LEU C 81 -13.82 -37.35 2.09
CA LEU C 81 -12.86 -37.39 0.97
C LEU C 81 -13.00 -38.75 0.27
N GLN C 82 -13.46 -38.73 -0.98
CA GLN C 82 -13.42 -39.89 -1.91
C GLN C 82 -12.14 -39.78 -2.75
N LEU C 83 -11.20 -40.70 -2.55
CA LEU C 83 -9.96 -40.84 -3.35
C LEU C 83 -10.22 -41.94 -4.40
N ASN C 84 -10.49 -41.52 -5.64
CA ASN C 84 -10.62 -42.45 -6.80
C ASN C 84 -9.29 -42.48 -7.55
N ASN C 85 -9.08 -43.55 -8.30
CA ASN C 85 -7.93 -43.69 -9.21
C ASN C 85 -6.62 -43.31 -8.49
N LEU C 86 -6.35 -44.02 -7.39
CA LEU C 86 -5.19 -43.78 -6.50
C LEU C 86 -3.90 -44.18 -7.22
N LYS C 87 -2.81 -43.48 -6.89
CA LYS C 87 -1.44 -43.69 -7.43
C LYS C 87 -0.51 -43.82 -6.23
N PRO C 88 0.64 -44.52 -6.35
CA PRO C 88 1.58 -44.66 -5.22
C PRO C 88 1.87 -43.32 -4.53
N GLU C 89 1.92 -42.24 -5.33
CA GLU C 89 2.34 -40.88 -4.93
C GLU C 89 1.27 -40.22 -4.03
N ASP C 90 0.12 -40.87 -3.88
CA ASP C 90 -0.95 -40.44 -2.95
C ASP C 90 -0.71 -41.05 -1.56
N THR C 91 0.31 -41.92 -1.40
CA THR C 91 0.60 -42.63 -0.13
C THR C 91 0.90 -41.57 0.94
N ALA C 92 0.09 -41.51 1.98
CA ALA C 92 0.27 -40.51 3.05
C ALA C 92 -0.78 -40.74 4.14
N ILE C 93 -0.58 -40.06 5.27
CA ILE C 93 -1.64 -39.82 6.29
C ILE C 93 -2.50 -38.65 5.78
N TYR C 94 -3.81 -38.84 5.70
CA TYR C 94 -4.77 -37.79 5.27
C TYR C 94 -5.46 -37.20 6.50
N TYR C 95 -5.36 -35.88 6.64
CA TYR C 95 -5.87 -35.09 7.78
C TYR C 95 -7.04 -34.25 7.28
N CYS C 96 -8.15 -34.21 8.04
CA CYS C 96 -9.17 -33.14 7.88
C CYS C 96 -8.92 -32.05 8.91
N ALA C 97 -9.39 -30.85 8.62
CA ALA C 97 -9.17 -29.63 9.43
C ALA C 97 -10.40 -28.74 9.28
N ALA C 98 -10.77 -28.06 10.35
CA ALA C 98 -11.88 -27.07 10.41
C ALA C 98 -11.31 -25.67 10.69
N ARG C 99 -11.87 -24.65 10.07
CA ARG C 99 -11.53 -23.25 10.38
C ARG C 99 -12.70 -22.71 11.22
N SER C 100 -12.41 -22.21 12.42
CA SER C 100 -13.43 -21.76 13.39
C SER C 100 -13.47 -20.22 13.47
N ARG C 101 -12.40 -19.55 13.07
CA ARG C 101 -12.29 -18.07 13.14
C ARG C 101 -13.11 -17.37 12.04
N PHE C 102 -12.96 -16.05 11.91
CA PHE C 102 -13.60 -15.22 10.87
C PHE C 102 -13.30 -15.77 9.47
N SER C 103 -14.35 -15.95 8.68
CA SER C 103 -14.31 -16.63 7.37
C SER C 103 -15.15 -15.87 6.31
N ALA C 104 -14.59 -15.74 5.10
CA ALA C 104 -15.31 -15.49 3.84
C ALA C 104 -15.92 -16.81 3.41
N MET C 105 -17.25 -16.91 3.38
CA MET C 105 -17.96 -18.21 3.35
C MET C 105 -17.93 -18.87 1.96
N HIS C 106 -17.54 -18.15 0.88
CA HIS C 106 -17.38 -18.71 -0.49
C HIS C 106 -15.95 -19.29 -0.69
N LEU C 107 -15.01 -18.97 0.21
CA LEU C 107 -13.54 -19.18 0.06
C LEU C 107 -13.14 -20.61 0.49
N ALA C 108 -12.64 -21.42 -0.45
CA ALA C 108 -12.00 -22.73 -0.19
C ALA C 108 -10.58 -22.47 0.33
N TYR C 109 -10.39 -22.48 1.65
CA TYR C 109 -9.14 -22.01 2.31
C TYR C 109 -8.08 -23.07 2.07
N ARG C 110 -6.88 -22.64 1.70
CA ARG C 110 -5.88 -23.47 0.98
C ARG C 110 -4.64 -23.73 1.82
N ARG C 111 -4.45 -23.01 2.92
CA ARG C 111 -3.14 -22.96 3.60
C ARG C 111 -3.28 -23.58 5.00
N LEU C 112 -2.22 -24.24 5.47
CA LEU C 112 -2.14 -24.83 6.83
C LEU C 112 -2.53 -23.76 7.83
N VAL C 113 -2.01 -22.52 7.69
CA VAL C 113 -2.22 -21.41 8.68
C VAL C 113 -3.70 -20.98 8.69
N ASP C 114 -4.50 -21.43 7.73
CA ASP C 114 -5.94 -21.07 7.60
C ASP C 114 -6.83 -21.88 8.55
N TYR C 115 -6.35 -22.97 9.15
CA TYR C 115 -7.21 -23.93 9.89
C TYR C 115 -6.79 -23.96 11.36
N ASP C 116 -7.71 -24.43 12.20
CA ASP C 116 -7.68 -24.28 13.69
C ASP C 116 -7.71 -25.64 14.38
N ASP C 117 -8.58 -26.55 13.94
CA ASP C 117 -8.82 -27.87 14.57
C ASP C 117 -8.45 -28.98 13.57
N TRP C 118 -7.74 -30.01 14.03
CA TRP C 118 -7.23 -31.10 13.16
C TRP C 118 -7.71 -32.46 13.66
N GLY C 119 -8.02 -33.35 12.72
CA GLY C 119 -8.18 -34.78 12.97
C GLY C 119 -6.83 -35.43 13.24
N GLN C 120 -6.88 -36.67 13.74
CA GLN C 120 -5.71 -37.51 14.11
C GLN C 120 -5.05 -38.06 12.84
N GLY C 121 -5.79 -38.09 11.72
CA GLY C 121 -5.30 -38.57 10.42
C GLY C 121 -5.72 -40.02 10.17
N THR C 122 -5.75 -40.41 8.90
CA THR C 122 -5.98 -41.82 8.52
C THR C 122 -4.99 -42.17 7.41
N GLN C 123 -4.40 -43.36 7.52
CA GLN C 123 -3.35 -43.83 6.60
C GLN C 123 -3.99 -44.40 5.33
N VAL C 124 -3.47 -43.96 4.18
CA VAL C 124 -3.77 -44.50 2.82
C VAL C 124 -2.43 -44.98 2.26
N THR C 125 -2.32 -46.27 1.90
CA THR C 125 -1.13 -46.87 1.25
C THR C 125 -1.51 -47.42 -0.13
N VAL C 126 -0.77 -47.02 -1.18
CA VAL C 126 -1.06 -47.44 -2.57
C VAL C 126 0.15 -48.24 -3.09
N SER C 127 -0.07 -49.52 -3.47
CA SER C 127 0.93 -50.43 -4.09
C SER C 127 0.94 -50.23 -5.61
N VAL D 2 33.40 -6.07 13.60
CA VAL D 2 32.76 -7.42 13.45
C VAL D 2 32.76 -8.13 14.81
N GLN D 3 33.90 -8.11 15.52
CA GLN D 3 34.06 -8.56 16.93
C GLN D 3 34.04 -7.35 17.88
N LEU D 4 33.16 -7.36 18.89
CA LEU D 4 32.96 -6.20 19.78
C LEU D 4 33.33 -6.57 21.21
N GLN D 5 34.28 -5.86 21.81
CA GLN D 5 34.79 -6.19 23.15
C GLN D 5 34.56 -4.98 24.05
N GLU D 6 33.72 -5.13 25.07
CA GLU D 6 33.43 -4.03 26.00
C GLU D 6 34.24 -4.18 27.28
N SER D 7 34.57 -3.04 27.88
CA SER D 7 35.20 -2.91 29.22
C SER D 7 34.66 -1.66 29.89
N GLY D 8 35.01 -1.46 31.15
CA GLY D 8 34.61 -0.26 31.91
C GLY D 8 33.41 -0.60 32.77
N GLY D 9 32.82 0.38 33.44
CA GLY D 9 31.69 0.09 34.33
C GLY D 9 32.10 -0.69 35.56
N GLY D 10 31.21 -0.81 36.52
CA GLY D 10 31.51 -1.38 37.84
C GLY D 10 30.41 -1.01 38.78
N LEU D 11 30.73 -0.92 40.07
CA LEU D 11 29.79 -0.54 41.15
C LEU D 11 30.11 0.89 41.59
N VAL D 12 29.10 1.76 41.54
CA VAL D 12 29.17 3.17 42.02
C VAL D 12 27.91 3.48 42.82
N GLN D 13 27.89 4.65 43.45
CA GLN D 13 26.73 5.20 44.18
C GLN D 13 26.02 6.12 43.18
N ALA D 14 24.75 6.43 43.43
CA ALA D 14 23.96 7.39 42.63
C ALA D 14 24.72 8.70 42.52
N GLY D 15 24.75 9.30 41.34
CA GLY D 15 25.43 10.59 41.06
C GLY D 15 26.84 10.43 40.51
N ASP D 16 27.48 9.27 40.67
CA ASP D 16 28.84 8.99 40.12
C ASP D 16 28.77 8.78 38.61
N SER D 17 29.93 8.70 37.97
CA SER D 17 30.16 8.54 36.51
C SER D 17 30.84 7.19 36.24
N LEU D 18 30.61 6.64 35.04
CA LEU D 18 31.32 5.45 34.51
C LEU D 18 31.54 5.68 33.02
N ARG D 19 32.51 4.96 32.46
CA ARG D 19 32.98 5.08 31.05
C ARG D 19 32.88 3.68 30.44
N VAL D 20 31.96 3.43 29.53
CA VAL D 20 31.95 2.10 28.86
C VAL D 20 32.61 2.27 27.50
N SER D 21 33.57 1.39 27.20
CA SER D 21 34.28 1.34 25.91
C SER D 21 33.86 0.07 25.16
N CYS D 22 33.66 0.21 23.85
CA CYS D 22 33.37 -0.91 22.91
C CYS D 22 34.45 -0.94 21.81
N ALA D 23 35.42 -1.84 21.93
CA ALA D 23 36.57 -1.97 21.00
C ALA D 23 36.23 -3.00 19.92
N ALA D 24 36.22 -2.60 18.64
CA ALA D 24 35.90 -3.49 17.50
C ALA D 24 37.20 -4.05 16.94
N SER D 25 37.18 -5.31 16.49
CA SER D 25 38.30 -5.90 15.71
C SER D 25 37.73 -6.77 14.57
N GLY D 26 38.57 -7.01 13.57
CA GLY D 26 38.24 -7.82 12.38
C GLY D 26 37.77 -6.92 11.25
N ARG D 27 37.32 -5.70 11.55
CA ARG D 27 36.82 -4.75 10.54
C ARG D 27 36.50 -3.40 11.18
N THR D 28 36.58 -2.35 10.38
CA THR D 28 36.34 -0.94 10.79
C THR D 28 34.85 -0.80 11.12
N ILE D 29 34.53 0.08 12.07
CA ILE D 29 33.14 0.50 12.40
C ILE D 29 32.99 1.99 12.08
N SER D 30 33.99 2.58 11.43
CA SER D 30 34.04 4.03 11.10
C SER D 30 32.82 4.42 10.26
N SER D 31 32.16 3.45 9.62
CA SER D 31 30.96 3.71 8.79
C SER D 31 29.81 2.80 9.24
N SER D 32 29.89 2.19 10.41
CA SER D 32 28.84 1.27 10.91
C SER D 32 27.93 2.04 11.86
N PRO D 33 26.59 1.95 11.70
CA PRO D 33 25.68 2.42 12.73
C PRO D 33 25.92 1.58 14.00
N MET D 34 26.12 2.24 15.14
CA MET D 34 26.43 1.58 16.43
C MET D 34 25.31 1.94 17.42
N GLY D 35 24.89 0.98 18.23
CA GLY D 35 23.89 1.18 19.31
C GLY D 35 24.40 0.67 20.65
N TRP D 36 23.82 1.24 21.71
CA TRP D 36 23.92 0.86 23.14
C TRP D 36 22.55 0.35 23.64
N PHE D 37 22.56 -0.83 24.24
CA PHE D 37 21.39 -1.47 24.87
C PHE D 37 21.77 -1.81 26.30
N ARG D 38 20.77 -1.92 27.17
CA ARG D 38 21.04 -2.37 28.55
C ARG D 38 20.01 -3.43 28.94
N GLN D 39 20.47 -4.42 29.68
CA GLN D 39 19.61 -5.53 30.14
C GLN D 39 19.92 -5.82 31.60
N ALA D 40 18.91 -5.71 32.47
CA ALA D 40 18.86 -6.32 33.82
C ALA D 40 18.40 -7.76 33.63
N PRO D 41 19.21 -8.80 33.95
CA PRO D 41 18.77 -10.19 33.77
C PRO D 41 17.34 -10.39 34.31
N GLY D 42 16.46 -10.93 33.47
CA GLY D 42 15.04 -11.16 33.79
C GLY D 42 14.13 -10.07 33.24
N LYS D 43 14.70 -9.04 32.61
CA LYS D 43 13.94 -7.99 31.88
C LYS D 43 14.47 -7.98 30.44
N GLU D 44 13.74 -7.33 29.54
CA GLU D 44 14.11 -7.30 28.11
C GLU D 44 15.25 -6.29 27.92
N ARG D 45 16.07 -6.51 26.91
CA ARG D 45 17.19 -5.61 26.52
C ARG D 45 16.54 -4.32 26.01
N GLU D 46 16.91 -3.15 26.53
CA GLU D 46 16.28 -1.88 26.09
C GLU D 46 17.34 -0.96 25.49
N PHE D 47 16.94 -0.24 24.44
CA PHE D 47 17.73 0.81 23.76
C PHE D 47 18.10 1.95 24.73
N VAL D 48 19.35 2.37 24.67
CA VAL D 48 19.87 3.53 25.44
C VAL D 48 20.30 4.64 24.48
N ALA D 49 21.07 4.30 23.44
CA ALA D 49 21.74 5.29 22.58
C ALA D 49 22.19 4.65 21.26
N ALA D 50 22.23 5.46 20.20
CA ALA D 50 22.77 5.06 18.88
C ALA D 50 23.49 6.25 18.22
N ILE D 51 24.50 5.92 17.43
CA ILE D 51 25.24 6.83 16.51
C ILE D 51 25.00 6.32 15.10
N SER D 52 24.68 7.23 14.19
CA SER D 52 24.48 6.92 12.75
C SER D 52 25.81 6.43 12.16
N GLY D 53 25.72 5.66 11.09
CA GLY D 53 26.86 5.27 10.23
C GLY D 53 27.79 6.44 9.95
N ASN D 54 27.27 7.62 9.58
CA ASN D 54 28.13 8.78 9.19
C ASN D 54 28.62 9.53 10.43
N GLY D 55 28.13 9.21 11.64
CA GLY D 55 28.61 9.83 12.90
C GLY D 55 27.98 11.17 13.19
N GLY D 56 27.04 11.62 12.37
CA GLY D 56 26.49 12.99 12.43
C GLY D 56 25.24 13.08 13.26
N ASN D 57 24.51 11.96 13.39
CA ASN D 57 23.25 11.89 14.17
C ASN D 57 23.41 10.88 15.32
N THR D 58 23.03 11.30 16.51
CA THR D 58 22.86 10.40 17.67
C THR D 58 21.42 10.51 18.14
N TYR D 59 21.02 9.62 19.03
CA TYR D 59 19.67 9.62 19.65
C TYR D 59 19.77 8.86 20.99
N TYR D 60 19.10 9.37 22.03
CA TYR D 60 19.17 8.85 23.41
C TYR D 60 17.76 8.54 23.91
N LEU D 61 17.65 7.47 24.71
CA LEU D 61 16.45 7.18 25.53
C LEU D 61 16.13 8.48 26.30
N ASP D 62 14.87 8.94 26.28
CA ASP D 62 14.40 10.15 27.02
C ASP D 62 15.04 10.23 28.41
N SER D 63 14.91 9.16 29.20
CA SER D 63 15.33 9.07 30.62
C SER D 63 16.85 9.26 30.81
N VAL D 64 17.68 9.13 29.77
CA VAL D 64 19.17 9.30 29.86
C VAL D 64 19.60 10.58 29.14
N LYS D 65 18.71 11.27 28.38
CA LYS D 65 19.04 12.57 27.74
C LYS D 65 19.65 13.49 28.79
N GLY D 66 20.85 13.98 28.57
CA GLY D 66 21.53 14.95 29.44
C GLY D 66 22.39 14.30 30.50
N ARG D 67 22.38 12.97 30.58
CA ARG D 67 23.20 12.16 31.52
C ARG D 67 24.24 11.36 30.72
N PHE D 68 23.80 10.64 29.69
CA PHE D 68 24.63 9.73 28.87
C PHE D 68 25.01 10.46 27.57
N THR D 69 26.23 10.25 27.08
CA THR D 69 26.60 10.71 25.72
C THR D 69 27.44 9.59 25.10
N THR D 70 27.23 9.34 23.81
CA THR D 70 28.04 8.38 23.04
C THR D 70 28.79 9.13 21.92
N SER D 71 29.99 8.64 21.59
CA SER D 71 30.76 9.07 20.41
C SER D 71 31.57 7.90 19.86
N ARG D 72 31.91 7.98 18.57
CA ARG D 72 32.76 6.99 17.88
C ARG D 72 34.13 7.64 17.64
N ASP D 73 35.20 6.94 18.03
CA ASP D 73 36.58 7.33 17.67
C ASP D 73 37.05 6.41 16.53
N ASN D 74 36.96 6.90 15.29
CA ASN D 74 37.17 6.07 14.07
C ASN D 74 38.60 5.53 14.05
N ALA D 75 39.58 6.36 14.40
CA ALA D 75 41.03 6.02 14.43
C ALA D 75 41.30 4.82 15.36
N LYS D 76 40.63 4.76 16.52
CA LYS D 76 40.79 3.69 17.54
C LYS D 76 39.77 2.56 17.30
N ASN D 77 38.89 2.73 16.31
CA ASN D 77 37.84 1.75 15.96
C ASN D 77 37.02 1.41 17.23
N THR D 78 36.64 2.42 18.00
CA THR D 78 36.07 2.24 19.37
C THR D 78 34.89 3.21 19.55
N VAL D 79 33.78 2.73 20.11
CA VAL D 79 32.64 3.62 20.52
C VAL D 79 32.62 3.68 22.05
N TYR D 80 32.30 4.85 22.59
CA TYR D 80 32.25 5.10 24.04
C TYR D 80 30.85 5.50 24.46
N LEU D 81 30.49 5.11 25.68
CA LEU D 81 29.29 5.58 26.41
C LEU D 81 29.78 6.15 27.75
N GLN D 82 29.62 7.46 27.90
CA GLN D 82 29.94 8.20 29.13
C GLN D 82 28.66 8.25 29.96
N LEU D 83 28.66 7.61 31.11
CA LEU D 83 27.47 7.52 31.99
C LEU D 83 27.68 8.46 33.18
N ASN D 84 27.15 9.68 33.13
CA ASN D 84 27.20 10.66 34.23
C ASN D 84 25.88 10.60 34.98
N ASN D 85 25.86 11.22 36.17
CA ASN D 85 24.69 11.35 37.09
C ASN D 85 23.91 10.02 37.14
N LEU D 86 24.60 8.91 37.42
CA LEU D 86 24.03 7.54 37.42
C LEU D 86 22.98 7.40 38.53
N LYS D 87 21.94 6.58 38.27
CA LYS D 87 20.82 6.34 39.20
C LYS D 87 20.61 4.83 39.29
N PRO D 88 19.93 4.35 40.36
CA PRO D 88 19.57 2.94 40.52
C PRO D 88 18.94 2.29 39.28
N GLU D 89 18.09 3.03 38.58
CA GLU D 89 17.37 2.55 37.38
C GLU D 89 18.38 2.19 36.28
N ASP D 90 19.62 2.70 36.34
CA ASP D 90 20.65 2.47 35.30
C ASP D 90 21.30 1.09 35.48
N THR D 91 21.11 0.44 36.64
CA THR D 91 21.72 -0.86 36.95
C THR D 91 21.36 -1.88 35.86
N ALA D 92 22.39 -2.39 35.17
CA ALA D 92 22.15 -3.25 33.99
C ALA D 92 23.48 -3.72 33.43
N ILE D 93 23.40 -4.74 32.57
CA ILE D 93 24.48 -5.08 31.61
C ILE D 93 24.29 -4.15 30.39
N TYR D 94 25.34 -3.45 30.03
CA TYR D 94 25.42 -2.51 28.89
C TYR D 94 26.08 -3.21 27.70
N TYR D 95 25.37 -3.25 26.57
CA TYR D 95 25.76 -3.90 25.29
C TYR D 95 25.98 -2.85 24.20
N CYS D 96 27.12 -2.88 23.52
CA CYS D 96 27.26 -2.21 22.20
C CYS D 96 26.80 -3.19 21.13
N ALA D 97 26.36 -2.64 20.03
CA ALA D 97 25.92 -3.40 18.84
C ALA D 97 26.25 -2.59 17.59
N ALA D 98 26.58 -3.33 16.54
CA ALA D 98 26.98 -2.84 15.20
C ALA D 98 25.97 -3.33 14.17
N ARG D 99 25.65 -2.51 13.19
CA ARG D 99 24.78 -2.93 12.06
C ARG D 99 25.69 -3.10 10.84
N SER D 100 25.68 -4.28 10.20
CA SER D 100 26.55 -4.57 9.03
C SER D 100 25.71 -4.73 7.74
N ARG D 101 24.38 -4.74 7.85
CA ARG D 101 23.49 -4.91 6.67
C ARG D 101 23.29 -3.52 6.01
N PHE D 102 22.55 -3.48 4.90
CA PHE D 102 22.25 -2.21 4.17
C PHE D 102 21.65 -1.21 5.16
N SER D 103 22.23 -0.01 5.22
CA SER D 103 21.97 1.09 6.18
C SER D 103 21.80 2.45 5.46
N ALA D 104 20.84 3.26 5.88
CA ALA D 104 20.82 4.72 5.68
C ALA D 104 21.78 5.29 6.72
N MET D 105 22.74 6.10 6.26
CA MET D 105 23.94 6.50 7.03
C MET D 105 23.64 7.63 8.03
N HIS D 106 22.47 8.27 7.90
CA HIS D 106 22.03 9.35 8.81
C HIS D 106 21.24 8.78 10.00
N LEU D 107 20.80 7.52 9.92
CA LEU D 107 19.76 6.98 10.83
C LEU D 107 20.42 6.40 12.09
N ALA D 108 20.10 6.95 13.26
CA ALA D 108 20.50 6.37 14.56
C ALA D 108 19.53 5.21 14.81
N TYR D 109 19.95 3.97 14.54
CA TYR D 109 19.03 2.80 14.60
C TYR D 109 18.70 2.52 16.07
N ARG D 110 17.41 2.41 16.35
CA ARG D 110 16.86 2.40 17.74
C ARG D 110 16.25 1.04 18.10
N ARG D 111 16.26 0.03 17.22
CA ARG D 111 15.60 -1.27 17.54
C ARG D 111 16.61 -2.41 17.67
N LEU D 112 16.31 -3.37 18.54
CA LEU D 112 17.15 -4.57 18.74
C LEU D 112 17.27 -5.32 17.42
N VAL D 113 16.20 -5.41 16.61
CA VAL D 113 16.21 -6.17 15.31
C VAL D 113 17.05 -5.40 14.27
N ASP D 114 17.41 -4.15 14.53
CA ASP D 114 18.22 -3.31 13.59
C ASP D 114 19.70 -3.70 13.57
N TYR D 115 20.18 -4.49 14.52
CA TYR D 115 21.64 -4.70 14.72
C TYR D 115 22.01 -6.16 14.47
N ASP D 116 23.29 -6.40 14.20
CA ASP D 116 23.81 -7.69 13.69
C ASP D 116 24.87 -8.26 14.65
N ASP D 117 25.82 -7.45 15.13
CA ASP D 117 26.94 -7.94 15.95
C ASP D 117 26.85 -7.32 17.35
N TRP D 118 27.18 -8.09 18.38
CA TRP D 118 26.98 -7.70 19.80
C TRP D 118 28.24 -7.95 20.63
N GLY D 119 28.58 -7.01 21.50
CA GLY D 119 29.59 -7.23 22.55
C GLY D 119 29.08 -8.21 23.60
N GLN D 120 29.94 -8.60 24.54
CA GLN D 120 29.66 -9.58 25.62
C GLN D 120 28.89 -8.87 26.73
N GLY D 121 28.99 -7.54 26.79
CA GLY D 121 28.33 -6.71 27.81
C GLY D 121 29.25 -6.41 28.97
N THR D 122 29.03 -5.28 29.63
CA THR D 122 29.77 -4.94 30.86
C THR D 122 28.75 -4.43 31.87
N GLN D 123 28.84 -4.92 33.10
CA GLN D 123 27.89 -4.66 34.21
C GLN D 123 28.12 -3.26 34.78
N VAL D 124 27.02 -2.53 34.99
CA VAL D 124 26.99 -1.26 35.75
C VAL D 124 26.02 -1.46 36.90
N THR D 125 26.50 -1.28 38.13
CA THR D 125 25.67 -1.39 39.35
C THR D 125 25.70 -0.04 40.06
N VAL D 126 24.53 0.51 40.36
CA VAL D 126 24.41 1.85 41.01
C VAL D 126 23.74 1.60 42.35
N SER D 127 24.49 1.78 43.46
CA SER D 127 24.05 1.57 44.88
C SER D 127 23.16 2.74 45.30
#